data_9D3H
#
_entry.id   9D3H
#
_cell.length_a   154.039
_cell.length_b   154.039
_cell.length_c   87.241
_cell.angle_alpha   90.00
_cell.angle_beta   90.00
_cell.angle_gamma   120.00
#
_symmetry.space_group_name_H-M   'P 31 2 1'
#
loop_
_entity.id
_entity.type
_entity.pdbx_description
1 polymer 'Threonylcarbamoyl-AMP synthase'
2 non-polymer N-carboxy-L-threonine
3 non-polymer 'MAGNESIUM ION'
4 non-polymer DIPHOSPHATE
5 non-polymer 'HEXAETHYLENE GLYCOL'
6 non-polymer 'ACETATE ION'
7 non-polymer GLYCEROL
8 non-polymer DI(HYDROXYETHYL)ETHER
9 water water
#
_entity_poly.entity_id   1
_entity_poly.type   'polypeptide(L)'
_entity_poly.pdbx_seq_one_letter_code
;GSHMASTRVLKVDPLFPDEKVLKEAAELLRNGEVIIFPTETVYGIGADAYNEEACKKIFKLKERPADNPLIVHIHSFKQL
EEIAEGYEPHLDFLKKFWPGPLTVIFRKKSEKIPPVVTADLPTVAVRMPAHPVALKLIELFGHPIAAPSANISGRPSATN
VKHVIEDFMGKVKLIIDAGDTPFGLESTIVDLTKEKPVLLRPGPVEVERLKELFPELVVPDFVRKGNFKGRPLAPGMKYR
HYAPLKPLILVEDLTKMEEVLKKYPDHVVICVEERKELYDDRIVVGSLKNPYSIAQNIFSALREAEKMGKEYIIVEGFEE
RGILFAVMNRLRKAATEIVR
;
_entity_poly.pdbx_strand_id   A,B
#
# COMPACT_ATOMS: atom_id res chain seq x y z
N SER A 6 -10.44 -15.14 -21.11
CA SER A 6 -11.09 -15.62 -19.85
C SER A 6 -10.40 -15.02 -18.60
N THR A 7 -10.32 -13.70 -18.50
CA THR A 7 -9.41 -12.91 -17.62
C THR A 7 -9.92 -12.83 -16.17
N ARG A 8 -9.05 -13.11 -15.19
CA ARG A 8 -9.33 -13.01 -13.73
C ARG A 8 -8.65 -11.76 -13.18
N VAL A 9 -9.36 -11.02 -12.33
CA VAL A 9 -8.90 -9.78 -11.67
C VAL A 9 -8.93 -10.03 -10.18
N LEU A 10 -7.77 -10.16 -9.54
CA LEU A 10 -7.65 -10.43 -8.08
C LEU A 10 -7.13 -9.18 -7.38
N LYS A 11 -7.95 -8.62 -6.49
CA LYS A 11 -7.58 -7.54 -5.54
C LYS A 11 -6.61 -8.12 -4.52
N VAL A 12 -5.50 -7.43 -4.24
CA VAL A 12 -4.55 -7.74 -3.14
C VAL A 12 -4.23 -6.43 -2.43
N ASP A 13 -3.89 -6.51 -1.15
CA ASP A 13 -3.37 -5.37 -0.35
C ASP A 13 -1.99 -5.00 -0.89
N PRO A 14 -1.67 -3.72 -1.10
CA PRO A 14 -0.33 -3.35 -1.57
C PRO A 14 0.86 -3.62 -0.63
N LEU A 15 0.66 -3.75 0.68
CA LEU A 15 1.76 -3.87 1.69
C LEU A 15 2.01 -5.33 2.09
N PHE A 16 0.93 -6.10 2.31
CA PHE A 16 0.92 -7.52 2.71
C PHE A 16 -0.04 -8.27 1.82
N PRO A 17 0.31 -8.51 0.53
CA PRO A 17 -0.58 -9.20 -0.39
C PRO A 17 -0.70 -10.67 0.01
N ASP A 18 -1.90 -11.21 -0.20
CA ASP A 18 -2.27 -12.64 -0.11
C ASP A 18 -1.28 -13.47 -0.93
N GLU A 19 -0.42 -14.26 -0.25
CA GLU A 19 0.60 -15.11 -0.92
C GLU A 19 -0.09 -16.12 -1.84
N LYS A 20 -1.38 -16.46 -1.59
CA LYS A 20 -2.17 -17.41 -2.43
C LYS A 20 -2.40 -16.83 -3.82
N VAL A 21 -2.75 -15.55 -3.90
CA VAL A 21 -2.91 -14.86 -5.20
C VAL A 21 -1.54 -14.81 -5.92
N LEU A 22 -0.47 -14.54 -5.19
CA LEU A 22 0.88 -14.41 -5.78
C LEU A 22 1.38 -15.77 -6.31
N LYS A 23 1.03 -16.86 -5.60
CA LYS A 23 1.37 -18.25 -6.01
C LYS A 23 0.63 -18.57 -7.31
N GLU A 24 -0.66 -18.26 -7.41
CA GLU A 24 -1.43 -18.43 -8.67
C GLU A 24 -0.70 -17.71 -9.83
N ALA A 25 -0.26 -16.48 -9.61
CA ALA A 25 0.47 -15.68 -10.61
C ALA A 25 1.80 -16.36 -10.97
N ALA A 26 2.56 -16.80 -9.95
CA ALA A 26 3.85 -17.50 -10.11
C ALA A 26 3.67 -18.78 -10.93
N GLU A 27 2.55 -19.47 -10.75
CA GLU A 27 2.25 -20.72 -11.48
C GLU A 27 2.02 -20.35 -12.95
N LEU A 28 1.23 -19.31 -13.20
CA LEU A 28 1.02 -18.81 -14.59
C LEU A 28 2.39 -18.47 -15.18
N LEU A 29 3.26 -17.78 -14.46
CA LEU A 29 4.59 -17.39 -15.01
C LEU A 29 5.41 -18.65 -15.35
N ARG A 30 5.37 -19.68 -14.48
CA ARG A 30 6.07 -20.97 -14.68
C ARG A 30 5.60 -21.63 -15.97
N ASN A 31 4.33 -21.47 -16.32
CA ASN A 31 3.72 -22.04 -17.56
C ASN A 31 4.02 -21.21 -18.81
N GLY A 32 4.82 -20.15 -18.73
CA GLY A 32 5.15 -19.30 -19.90
C GLY A 32 3.97 -18.43 -20.28
N GLU A 33 3.11 -18.09 -19.31
CA GLU A 33 1.97 -17.17 -19.50
C GLU A 33 2.41 -15.76 -19.12
N VAL A 34 1.67 -14.79 -19.65
CA VAL A 34 1.88 -13.35 -19.40
C VAL A 34 0.85 -12.93 -18.36
N ILE A 35 1.26 -12.20 -17.33
CA ILE A 35 0.32 -11.65 -16.32
C ILE A 35 0.56 -10.16 -16.18
N ILE A 36 -0.38 -9.48 -15.54
CA ILE A 36 -0.33 -8.02 -15.31
C ILE A 36 -0.27 -7.83 -13.80
N PHE A 37 0.63 -6.98 -13.32
CA PHE A 37 0.88 -6.76 -11.89
C PHE A 37 1.22 -5.29 -11.65
N PRO A 38 0.95 -4.78 -10.43
CA PRO A 38 1.27 -3.39 -10.07
C PRO A 38 2.74 -3.18 -9.73
N THR A 39 3.23 -1.95 -9.92
CA THR A 39 4.48 -1.42 -9.31
C THR A 39 4.18 -0.04 -8.72
N GLU A 40 5.19 0.61 -8.13
CA GLU A 40 5.08 1.98 -7.58
C GLU A 40 4.93 3.02 -8.71
N THR A 41 5.26 2.65 -9.96
CA THR A 41 5.28 3.60 -11.09
C THR A 41 4.00 3.40 -11.89
N VAL A 42 3.96 2.37 -12.72
CA VAL A 42 2.79 2.02 -13.58
C VAL A 42 2.61 0.51 -13.51
N TYR A 43 1.46 0.00 -13.95
CA TYR A 43 1.23 -1.45 -14.05
C TYR A 43 2.19 -2.00 -15.11
N GLY A 44 2.66 -3.23 -14.89
CA GLY A 44 3.49 -3.97 -15.84
C GLY A 44 2.76 -5.18 -16.39
N ILE A 45 3.17 -5.61 -17.58
CA ILE A 45 2.72 -6.87 -18.21
C ILE A 45 3.98 -7.73 -18.36
N GLY A 46 4.06 -8.82 -17.61
CA GLY A 46 5.30 -9.55 -17.34
C GLY A 46 5.24 -11.00 -17.76
N ALA A 47 6.43 -11.53 -18.05
CA ALA A 47 6.70 -12.95 -18.34
C ALA A 47 8.02 -13.33 -17.65
N ASP A 48 8.21 -14.62 -17.43
CA ASP A 48 9.52 -15.24 -17.12
C ASP A 48 10.59 -14.62 -18.03
N ALA A 49 11.52 -13.86 -17.46
CA ALA A 49 12.61 -13.16 -18.20
C ALA A 49 13.54 -14.15 -18.91
N TYR A 50 13.52 -15.43 -18.53
CA TYR A 50 14.40 -16.49 -19.06
C TYR A 50 13.66 -17.29 -20.12
N ASN A 51 12.40 -16.94 -20.37
CA ASN A 51 11.49 -17.69 -21.28
C ASN A 51 11.26 -16.89 -22.58
N GLU A 52 12.03 -17.23 -23.61
CA GLU A 52 11.96 -16.65 -24.97
C GLU A 52 10.52 -16.55 -25.49
N GLU A 53 9.77 -17.66 -25.54
CA GLU A 53 8.45 -17.72 -26.23
C GLU A 53 7.44 -16.90 -25.41
N ALA A 54 7.60 -16.84 -24.09
CA ALA A 54 6.66 -16.12 -23.20
C ALA A 54 6.90 -14.61 -23.32
N CYS A 55 8.14 -14.19 -23.60
CA CYS A 55 8.50 -12.77 -23.78
C CYS A 55 8.04 -12.29 -25.16
N LYS A 56 8.08 -13.14 -26.19
CA LYS A 56 7.51 -12.82 -27.52
C LYS A 56 6.01 -12.52 -27.38
N LYS A 57 5.31 -13.20 -26.49
CA LYS A 57 3.85 -13.00 -26.27
C LYS A 57 3.61 -11.56 -25.79
N ILE A 58 4.52 -10.99 -25.01
CA ILE A 58 4.40 -9.58 -24.53
C ILE A 58 4.36 -8.64 -25.77
N PHE A 59 5.28 -8.81 -26.71
CA PHE A 59 5.39 -8.01 -27.96
C PHE A 59 4.11 -8.12 -28.77
N LYS A 60 3.62 -9.35 -28.98
CA LYS A 60 2.38 -9.65 -29.73
C LYS A 60 1.19 -9.00 -28.98
N LEU A 61 1.09 -9.14 -27.67
CA LEU A 61 -0.06 -8.63 -26.89
C LEU A 61 -0.09 -7.11 -26.91
N LYS A 62 1.06 -6.44 -26.95
CA LYS A 62 1.16 -4.95 -26.92
C LYS A 62 1.13 -4.36 -28.32
N GLU A 63 1.35 -5.16 -29.36
CA GLU A 63 1.52 -4.68 -30.76
C GLU A 63 2.78 -3.81 -30.78
N ARG A 64 3.86 -4.33 -30.20
CA ARG A 64 5.09 -3.59 -29.86
C ARG A 64 6.17 -3.93 -30.87
N PRO A 65 6.88 -2.92 -31.42
CA PRO A 65 8.02 -3.18 -32.30
C PRO A 65 9.14 -3.97 -31.62
N ALA A 66 9.75 -4.90 -32.36
CA ALA A 66 10.76 -5.89 -31.87
C ALA A 66 11.98 -5.17 -31.29
N ASP A 67 12.35 -3.99 -31.81
CA ASP A 67 13.58 -3.27 -31.41
C ASP A 67 13.37 -2.42 -30.13
N ASN A 68 12.22 -2.48 -29.46
CA ASN A 68 11.95 -1.76 -28.17
C ASN A 68 12.13 -2.73 -27.00
N PRO A 69 13.27 -2.66 -26.26
CA PRO A 69 13.60 -3.68 -25.25
C PRO A 69 12.77 -3.58 -23.97
N LEU A 70 12.75 -4.66 -23.20
CA LEU A 70 11.95 -4.81 -21.96
C LEU A 70 12.86 -4.59 -20.75
N ILE A 71 12.31 -4.09 -19.66
CA ILE A 71 13.02 -3.94 -18.37
C ILE A 71 12.87 -5.24 -17.59
N VAL A 72 13.99 -5.71 -17.07
CA VAL A 72 14.09 -6.95 -16.24
C VAL A 72 13.95 -6.51 -14.77
N HIS A 73 12.91 -7.01 -14.11
CA HIS A 73 12.58 -6.68 -12.70
C HIS A 73 13.16 -7.74 -11.79
N ILE A 74 13.94 -7.34 -10.78
CA ILE A 74 14.65 -8.24 -9.82
C ILE A 74 14.21 -7.90 -8.41
N HIS A 75 14.45 -8.79 -7.45
CA HIS A 75 14.04 -8.54 -6.05
C HIS A 75 15.29 -8.46 -5.16
N SER A 76 16.47 -8.86 -5.64
CA SER A 76 17.68 -8.91 -4.80
C SER A 76 18.93 -8.48 -5.57
N PHE A 77 19.91 -7.95 -4.83
CA PHE A 77 21.24 -7.59 -5.38
C PHE A 77 21.89 -8.85 -5.94
N LYS A 78 21.67 -10.02 -5.31
CA LYS A 78 22.25 -11.31 -5.78
C LYS A 78 21.78 -11.60 -7.22
N GLN A 79 20.54 -11.28 -7.60
CA GLN A 79 20.06 -11.48 -9.01
C GLN A 79 20.76 -10.54 -9.99
N LEU A 80 21.19 -9.37 -9.55
CA LEU A 80 21.96 -8.39 -10.38
C LEU A 80 23.32 -9.00 -10.74
N GLU A 81 23.97 -9.68 -9.80
CA GLU A 81 25.24 -10.46 -10.01
C GLU A 81 25.02 -11.47 -11.14
N GLU A 82 23.83 -12.11 -11.24
CA GLU A 82 23.56 -13.13 -12.29
C GLU A 82 23.48 -12.46 -13.67
N ILE A 83 22.75 -11.35 -13.83
CA ILE A 83 22.27 -10.88 -15.16
C ILE A 83 23.15 -9.75 -15.73
N ALA A 84 23.96 -9.07 -14.93
CA ALA A 84 24.73 -7.88 -15.37
C ALA A 84 26.21 -7.96 -14.94
N GLU A 85 27.07 -7.14 -15.55
CA GLU A 85 28.47 -6.95 -15.07
C GLU A 85 28.92 -5.51 -15.25
N GLY A 86 29.94 -5.12 -14.48
CA GLY A 86 30.52 -3.77 -14.47
C GLY A 86 29.77 -2.84 -13.54
N TYR A 87 28.88 -3.38 -12.69
CA TYR A 87 27.98 -2.61 -11.79
C TYR A 87 28.61 -2.37 -10.42
N GLU A 88 29.75 -3.00 -10.09
CA GLU A 88 30.35 -3.00 -8.73
C GLU A 88 30.64 -1.55 -8.31
N PRO A 89 31.23 -0.70 -9.18
CA PRO A 89 31.44 0.70 -8.83
C PRO A 89 30.16 1.51 -8.52
N HIS A 90 28.99 1.05 -8.97
CA HIS A 90 27.71 1.81 -8.86
C HIS A 90 26.85 1.26 -7.72
N LEU A 91 27.32 0.23 -6.99
CA LEU A 91 26.54 -0.47 -5.92
C LEU A 91 26.11 0.51 -4.82
N ASP A 92 26.96 1.45 -4.37
CA ASP A 92 26.60 2.44 -3.32
C ASP A 92 25.40 3.26 -3.82
N PHE A 93 25.47 3.78 -5.05
CA PHE A 93 24.36 4.45 -5.77
C PHE A 93 23.12 3.53 -5.78
N LEU A 94 23.24 2.32 -6.32
CA LEU A 94 22.08 1.42 -6.47
C LEU A 94 21.43 1.18 -5.11
N LYS A 95 22.25 1.02 -4.06
CA LYS A 95 21.76 0.74 -2.69
C LYS A 95 21.04 1.98 -2.15
N LYS A 96 21.35 3.19 -2.60
CA LYS A 96 20.64 4.43 -2.16
C LYS A 96 19.24 4.48 -2.81
N PHE A 97 19.03 3.95 -4.01
CA PHE A 97 17.76 4.17 -4.75
C PHE A 97 16.93 2.90 -4.91
N TRP A 98 17.45 1.73 -4.57
CA TRP A 98 16.73 0.45 -4.75
C TRP A 98 16.41 -0.20 -3.42
N PRO A 99 15.22 -0.84 -3.28
CA PRO A 99 14.20 -0.86 -4.33
C PRO A 99 13.62 0.52 -4.60
N GLY A 100 13.08 0.80 -5.78
CA GLY A 100 12.59 2.15 -6.10
C GLY A 100 12.44 2.43 -7.58
N PRO A 101 11.90 3.64 -7.92
CA PRO A 101 11.49 3.97 -9.29
C PRO A 101 12.66 4.41 -10.19
N LEU A 102 13.67 3.55 -10.24
CA LEU A 102 14.91 3.73 -11.03
C LEU A 102 15.20 2.45 -11.82
N THR A 103 15.45 2.62 -13.10
CA THR A 103 15.94 1.59 -14.04
C THR A 103 17.31 2.02 -14.50
N VAL A 104 18.26 1.08 -14.51
N VAL A 104 18.26 1.08 -14.51
CA VAL A 104 19.67 1.30 -14.91
CA VAL A 104 19.66 1.33 -14.93
C VAL A 104 19.99 0.39 -16.10
C VAL A 104 19.99 0.39 -16.09
N ILE A 105 20.79 0.88 -17.04
CA ILE A 105 21.28 0.08 -18.20
C ILE A 105 22.70 -0.40 -17.85
N PHE A 106 22.92 -1.71 -17.92
CA PHE A 106 24.24 -2.36 -17.69
C PHE A 106 24.58 -3.23 -18.88
N ARG A 107 25.87 -3.56 -19.01
CA ARG A 107 26.32 -4.65 -19.89
C ARG A 107 25.60 -5.93 -19.45
N LYS A 108 25.14 -6.73 -20.41
CA LYS A 108 24.48 -8.04 -20.20
C LYS A 108 25.54 -9.10 -19.84
N LYS A 109 25.33 -9.87 -18.78
CA LYS A 109 26.12 -11.10 -18.51
C LYS A 109 25.27 -12.30 -18.93
N SER A 110 24.27 -12.66 -18.12
CA SER A 110 23.36 -13.83 -18.25
C SER A 110 23.27 -14.33 -19.69
N GLU A 111 23.71 -15.57 -19.94
CA GLU A 111 23.31 -16.37 -21.13
C GLU A 111 21.78 -16.59 -21.09
N LYS A 112 21.18 -16.60 -19.89
CA LYS A 112 19.79 -17.06 -19.67
C LYS A 112 18.77 -16.04 -20.20
N ILE A 113 19.07 -14.74 -20.24
CA ILE A 113 18.08 -13.72 -20.70
C ILE A 113 18.15 -13.68 -22.22
N PRO A 114 17.12 -14.12 -22.95
CA PRO A 114 17.22 -14.22 -24.40
C PRO A 114 17.18 -12.88 -25.12
N PRO A 115 17.71 -12.83 -26.36
CA PRO A 115 17.81 -11.61 -27.15
C PRO A 115 16.49 -10.86 -27.36
N VAL A 116 15.34 -11.55 -27.38
CA VAL A 116 14.00 -10.89 -27.53
C VAL A 116 13.79 -9.86 -26.39
N VAL A 117 14.23 -10.17 -25.16
CA VAL A 117 14.04 -9.28 -23.99
C VAL A 117 14.87 -8.00 -24.19
N THR A 118 16.10 -8.16 -24.68
CA THR A 118 17.12 -7.10 -24.81
C THR A 118 17.11 -6.47 -26.22
N ALA A 119 16.18 -6.87 -27.10
CA ALA A 119 16.11 -6.44 -28.53
C ALA A 119 17.47 -6.67 -29.19
N ASP A 120 18.09 -7.80 -28.86
CA ASP A 120 19.39 -8.28 -29.40
C ASP A 120 20.51 -7.28 -29.10
N LEU A 121 20.38 -6.44 -28.07
CA LEU A 121 21.43 -5.49 -27.62
C LEU A 121 22.38 -6.18 -26.66
N PRO A 122 23.67 -5.75 -26.57
CA PRO A 122 24.60 -6.30 -25.56
C PRO A 122 24.41 -5.69 -24.15
N THR A 123 23.32 -4.96 -23.93
CA THR A 123 23.01 -4.29 -22.65
C THR A 123 21.65 -4.77 -22.15
N VAL A 124 21.38 -4.61 -20.86
CA VAL A 124 20.06 -4.99 -20.27
C VAL A 124 19.59 -3.84 -19.39
N ALA A 125 18.31 -3.49 -19.45
CA ALA A 125 17.68 -2.54 -18.50
C ALA A 125 17.18 -3.30 -17.28
N VAL A 126 17.57 -2.87 -16.08
CA VAL A 126 17.29 -3.57 -14.79
C VAL A 126 16.61 -2.60 -13.83
N ARG A 127 15.51 -3.03 -13.19
CA ARG A 127 14.81 -2.29 -12.12
C ARG A 127 14.57 -3.25 -10.94
N MET A 128 14.78 -2.77 -9.71
CA MET A 128 14.30 -3.39 -8.47
C MET A 128 13.14 -2.53 -7.95
N PRO A 129 11.87 -2.91 -8.24
CA PRO A 129 10.73 -2.07 -7.89
C PRO A 129 10.38 -2.07 -6.40
N ALA A 130 10.04 -0.89 -5.85
CA ALA A 130 9.61 -0.65 -4.47
C ALA A 130 8.09 -0.79 -4.44
N HIS A 131 7.61 -2.00 -4.66
CA HIS A 131 6.20 -2.38 -4.51
C HIS A 131 6.20 -3.79 -3.95
N PRO A 132 5.75 -3.97 -2.68
CA PRO A 132 5.72 -5.29 -2.06
C PRO A 132 5.13 -6.39 -2.96
N VAL A 133 4.11 -6.08 -3.74
CA VAL A 133 3.45 -7.06 -4.66
C VAL A 133 4.46 -7.53 -5.72
N ALA A 134 5.16 -6.61 -6.37
CA ALA A 134 6.15 -6.94 -7.41
C ALA A 134 7.29 -7.75 -6.79
N LEU A 135 7.84 -7.28 -5.66
CA LEU A 135 9.01 -7.92 -5.01
C LEU A 135 8.61 -9.33 -4.56
N LYS A 136 7.45 -9.50 -3.92
CA LYS A 136 7.02 -10.81 -3.40
C LYS A 136 6.74 -11.75 -4.58
N LEU A 137 6.12 -11.27 -5.64
CA LEU A 137 5.83 -12.13 -6.83
C LEU A 137 7.15 -12.64 -7.41
N ILE A 138 8.11 -11.76 -7.63
CA ILE A 138 9.42 -12.11 -8.24
C ILE A 138 10.07 -13.19 -7.39
N GLU A 139 10.07 -13.01 -6.06
CA GLU A 139 10.77 -13.91 -5.11
C GLU A 139 10.09 -15.30 -5.10
N LEU A 140 8.76 -15.33 -5.07
CA LEU A 140 7.94 -16.57 -5.04
CA LEU A 140 7.97 -16.59 -5.02
C LEU A 140 8.13 -17.31 -6.36
N PHE A 141 8.14 -16.56 -7.47
CA PHE A 141 8.28 -17.13 -8.83
C PHE A 141 9.69 -17.72 -8.98
N GLY A 142 10.73 -17.01 -8.50
CA GLY A 142 12.12 -17.46 -8.43
C GLY A 142 12.99 -17.08 -9.62
N HIS A 143 12.45 -16.35 -10.60
CA HIS A 143 13.19 -15.78 -11.77
C HIS A 143 12.88 -14.29 -11.89
N PRO A 144 13.77 -13.48 -12.50
CA PRO A 144 13.43 -12.10 -12.84
C PRO A 144 12.23 -12.11 -13.79
N ILE A 145 11.46 -11.02 -13.76
CA ILE A 145 10.30 -10.78 -14.67
C ILE A 145 10.65 -9.66 -15.64
N ALA A 146 10.60 -9.96 -16.94
CA ALA A 146 10.66 -8.98 -18.05
C ALA A 146 9.28 -8.35 -18.19
N ALA A 147 9.16 -7.02 -18.09
CA ALA A 147 7.85 -6.34 -18.13
C ALA A 147 7.99 -4.91 -18.66
N PRO A 148 7.37 -4.57 -19.81
CA PRO A 148 7.13 -3.16 -20.16
C PRO A 148 5.87 -2.70 -19.42
N SER A 149 5.47 -1.44 -19.62
CA SER A 149 4.20 -0.85 -19.11
C SER A 149 2.98 -1.62 -19.64
N ALA A 150 1.95 -1.76 -18.81
CA ALA A 150 0.68 -2.43 -19.16
C ALA A 150 -0.17 -1.46 -19.98
N ASN A 151 -0.03 -1.51 -21.30
CA ASN A 151 -0.80 -0.66 -22.25
C ASN A 151 -0.53 -1.22 -23.64
N ILE A 152 -1.48 -1.08 -24.58
CA ILE A 152 -1.17 -1.23 -26.03
C ILE A 152 -0.02 -0.24 -26.33
N SER A 153 0.95 -0.62 -27.16
CA SER A 153 2.11 0.25 -27.47
C SER A 153 1.59 1.56 -28.06
N GLY A 154 2.23 2.68 -27.72
CA GLY A 154 1.82 4.03 -28.15
C GLY A 154 0.68 4.62 -27.32
N ARG A 155 0.05 3.86 -26.41
CA ARG A 155 -1.09 4.36 -25.60
C ARG A 155 -0.59 4.77 -24.21
N PRO A 156 -1.38 5.52 -23.42
CA PRO A 156 -0.97 5.94 -22.07
C PRO A 156 -0.82 4.78 -21.07
N SER A 157 0.20 4.86 -20.22
CA SER A 157 0.62 3.77 -19.31
C SER A 157 -0.46 3.57 -18.23
N ALA A 158 -0.92 2.34 -18.04
CA ALA A 158 -1.96 1.99 -17.04
C ALA A 158 -1.45 2.27 -15.63
N THR A 159 -2.22 3.01 -14.84
CA THR A 159 -1.94 3.41 -13.44
C THR A 159 -3.04 2.85 -12.53
N ASN A 160 -4.02 2.15 -13.08
CA ASN A 160 -5.06 1.42 -12.30
C ASN A 160 -5.68 0.33 -13.19
N VAL A 161 -6.47 -0.55 -12.57
CA VAL A 161 -6.96 -1.78 -13.25
C VAL A 161 -7.97 -1.44 -14.35
N LYS A 162 -8.72 -0.34 -14.21
CA LYS A 162 -9.67 0.13 -15.26
C LYS A 162 -8.91 0.32 -16.58
N HIS A 163 -7.74 0.95 -16.55
CA HIS A 163 -6.93 1.20 -17.77
C HIS A 163 -6.44 -0.13 -18.33
N VAL A 164 -6.01 -1.04 -17.43
CA VAL A 164 -5.48 -2.36 -17.84
C VAL A 164 -6.60 -3.13 -18.54
N ILE A 165 -7.80 -3.09 -17.95
CA ILE A 165 -9.03 -3.79 -18.44
C ILE A 165 -9.40 -3.27 -19.84
N GLU A 166 -9.32 -1.97 -20.08
CA GLU A 166 -9.56 -1.31 -21.39
C GLU A 166 -8.65 -1.91 -22.46
N ASP A 167 -7.41 -2.22 -22.11
CA ASP A 167 -6.38 -2.62 -23.12
C ASP A 167 -6.32 -4.15 -23.25
N PHE A 168 -6.67 -4.90 -22.19
CA PHE A 168 -6.22 -6.32 -22.07
C PHE A 168 -7.32 -7.30 -21.61
N MET A 169 -8.56 -6.87 -21.39
CA MET A 169 -9.63 -7.82 -20.98
C MET A 169 -9.75 -8.90 -22.07
N GLY A 170 -9.70 -10.17 -21.68
CA GLY A 170 -9.84 -11.32 -22.58
C GLY A 170 -8.53 -11.73 -23.24
N LYS A 171 -7.43 -11.00 -22.98
CA LYS A 171 -6.11 -11.19 -23.65
C LYS A 171 -5.09 -11.82 -22.69
N VAL A 172 -5.22 -11.63 -21.39
CA VAL A 172 -4.32 -12.20 -20.34
C VAL A 172 -5.17 -12.97 -19.34
N LYS A 173 -4.64 -14.06 -18.80
CA LYS A 173 -5.35 -14.92 -17.82
C LYS A 173 -5.53 -14.19 -16.49
N LEU A 174 -4.57 -13.35 -16.06
CA LEU A 174 -4.59 -12.76 -14.68
C LEU A 174 -4.13 -11.30 -14.64
N ILE A 175 -4.86 -10.50 -13.90
CA ILE A 175 -4.55 -9.10 -13.52
C ILE A 175 -4.61 -9.04 -11.99
N ILE A 176 -3.50 -8.72 -11.36
CA ILE A 176 -3.43 -8.40 -9.90
C ILE A 176 -3.70 -6.91 -9.74
N ASP A 177 -4.73 -6.59 -8.97
CA ASP A 177 -5.20 -5.22 -8.73
C ASP A 177 -4.70 -4.78 -7.35
N ALA A 178 -3.87 -3.75 -7.28
CA ALA A 178 -3.44 -3.16 -5.99
C ALA A 178 -3.79 -1.67 -5.99
N GLY A 179 -4.77 -1.28 -6.81
CA GLY A 179 -5.28 0.10 -6.90
C GLY A 179 -4.43 0.99 -7.78
N ASP A 180 -4.54 2.31 -7.55
CA ASP A 180 -3.78 3.38 -8.27
C ASP A 180 -2.30 3.24 -7.89
N THR A 181 -1.43 3.26 -8.88
CA THR A 181 0.02 3.23 -8.59
C THR A 181 0.36 4.54 -7.90
N PRO A 182 1.27 4.51 -6.91
CA PRO A 182 1.74 5.72 -6.23
C PRO A 182 2.20 6.90 -7.11
N PHE A 183 3.13 6.70 -8.03
CA PHE A 183 3.76 7.79 -8.82
C PHE A 183 2.98 8.10 -10.11
N GLY A 184 2.35 7.11 -10.75
CA GLY A 184 1.63 7.29 -12.03
C GLY A 184 2.54 7.53 -13.25
N LEU A 185 3.86 7.53 -13.06
CA LEU A 185 4.88 7.76 -14.11
C LEU A 185 5.91 6.64 -14.02
N GLU A 186 6.40 6.18 -15.17
CA GLU A 186 7.45 5.14 -15.30
C GLU A 186 8.75 5.61 -14.67
N SER A 187 9.55 4.64 -14.22
CA SER A 187 10.88 4.80 -13.58
C SER A 187 11.78 5.76 -14.39
N THR A 188 12.60 6.52 -13.69
CA THR A 188 13.76 7.21 -14.29
C THR A 188 14.67 6.12 -14.91
N ILE A 189 15.17 6.33 -16.13
CA ILE A 189 16.16 5.41 -16.75
C ILE A 189 17.50 6.13 -16.87
N VAL A 190 18.55 5.54 -16.29
CA VAL A 190 19.95 6.03 -16.41
C VAL A 190 20.82 4.94 -17.05
N ASP A 191 21.52 5.27 -18.14
CA ASP A 191 22.57 4.41 -18.73
C ASP A 191 23.87 4.62 -17.94
N LEU A 192 24.43 3.56 -17.38
CA LEU A 192 25.73 3.65 -16.67
C LEU A 192 26.81 2.86 -17.42
N THR A 193 26.66 2.59 -18.72
CA THR A 193 27.62 1.82 -19.55
C THR A 193 28.70 2.69 -20.20
N LYS A 194 28.53 4.02 -20.26
CA LYS A 194 29.46 4.97 -20.96
C LYS A 194 30.38 5.69 -19.96
N GLU A 195 31.40 6.41 -20.43
CA GLU A 195 32.30 7.20 -19.54
C GLU A 195 31.46 8.14 -18.66
N LYS A 196 30.39 8.74 -19.19
CA LYS A 196 29.51 9.65 -18.40
C LYS A 196 28.11 9.08 -18.36
N PRO A 197 27.42 9.16 -17.19
CA PRO A 197 26.05 8.65 -17.08
C PRO A 197 25.06 9.47 -17.91
N VAL A 198 24.09 8.79 -18.51
CA VAL A 198 23.13 9.38 -19.48
C VAL A 198 21.72 9.14 -18.99
N LEU A 199 20.93 10.20 -18.88
CA LEU A 199 19.47 10.08 -18.63
C LEU A 199 18.78 9.68 -19.94
N LEU A 200 17.97 8.61 -19.95
CA LEU A 200 17.25 8.16 -21.16
C LEU A 200 15.73 8.41 -21.02
N ARG A 201 15.23 8.47 -19.80
CA ARG A 201 13.79 8.77 -19.54
C ARG A 201 13.68 9.43 -18.18
N PRO A 202 13.09 10.64 -18.08
CA PRO A 202 12.92 11.28 -16.77
C PRO A 202 11.79 10.56 -16.04
N GLY A 203 11.84 10.56 -14.71
CA GLY A 203 10.80 9.90 -13.90
C GLY A 203 10.86 10.38 -12.45
N PRO A 204 10.31 9.59 -11.50
CA PRO A 204 10.23 9.98 -10.10
C PRO A 204 11.58 10.27 -9.46
N VAL A 205 12.69 9.70 -9.94
CA VAL A 205 14.06 10.11 -9.50
C VAL A 205 14.43 11.33 -10.37
N GLU A 206 14.38 12.51 -9.74
CA GLU A 206 14.36 13.83 -10.43
C GLU A 206 15.74 14.12 -11.01
N VAL A 207 15.74 14.78 -12.17
CA VAL A 207 16.98 15.24 -12.85
C VAL A 207 17.85 16.01 -11.86
N GLU A 208 17.27 16.92 -11.08
CA GLU A 208 17.98 17.76 -10.08
C GLU A 208 18.76 16.86 -9.11
N ARG A 209 18.15 15.75 -8.68
CA ARG A 209 18.74 14.80 -7.70
C ARG A 209 19.91 14.06 -8.36
N LEU A 210 19.71 13.54 -9.56
CA LEU A 210 20.78 12.86 -10.31
C LEU A 210 21.95 13.80 -10.59
N LYS A 211 21.69 15.09 -10.84
CA LYS A 211 22.77 16.07 -11.11
C LYS A 211 23.58 16.31 -9.83
N GLU A 212 22.96 16.27 -8.65
CA GLU A 212 23.68 16.38 -7.34
C GLU A 212 24.69 15.22 -7.23
N LEU A 213 24.29 13.99 -7.59
CA LEU A 213 25.13 12.77 -7.53
C LEU A 213 26.07 12.67 -8.74
N PHE A 214 25.63 13.09 -9.92
CA PHE A 214 26.40 12.96 -11.18
C PHE A 214 26.51 14.33 -11.83
N PRO A 215 27.43 15.20 -11.37
CA PRO A 215 27.62 16.53 -11.97
C PRO A 215 27.70 16.46 -13.51
N GLU A 216 28.27 15.38 -14.06
CA GLU A 216 28.54 15.17 -15.52
C GLU A 216 27.36 14.46 -16.21
N LEU A 217 26.21 14.35 -15.57
CA LEU A 217 25.02 13.72 -16.19
C LEU A 217 24.78 14.36 -17.57
N VAL A 218 24.67 13.55 -18.62
N VAL A 218 24.66 13.52 -18.61
CA VAL A 218 24.23 14.06 -19.95
CA VAL A 218 24.20 13.93 -19.98
C VAL A 218 22.71 13.86 -20.07
C VAL A 218 22.68 13.84 -20.04
N VAL A 219 22.04 14.89 -20.59
CA VAL A 219 20.58 14.92 -20.84
C VAL A 219 20.45 15.16 -22.34
N PRO A 220 20.26 14.09 -23.15
CA PRO A 220 20.24 14.23 -24.61
C PRO A 220 19.03 15.03 -25.08
N ASP A 221 19.08 15.53 -26.32
CA ASP A 221 18.02 16.38 -26.90
C ASP A 221 16.69 15.63 -26.88
N PHE A 222 16.66 14.31 -27.16
CA PHE A 222 15.40 13.54 -27.31
C PHE A 222 14.62 13.50 -25.98
N VAL A 223 15.29 13.70 -24.85
CA VAL A 223 14.63 13.78 -23.52
C VAL A 223 13.86 15.10 -23.40
N ARG A 224 14.38 16.20 -23.95
CA ARG A 224 13.75 17.55 -23.89
C ARG A 224 12.79 17.78 -25.07
N LYS A 225 12.86 16.97 -26.14
CA LYS A 225 12.08 17.14 -27.40
C LYS A 225 11.14 15.94 -27.71
N GLY A 226 11.47 14.70 -27.33
CA GLY A 226 10.87 13.47 -27.91
C GLY A 226 11.02 13.41 -29.43
N ASN A 227 12.16 12.91 -29.95
CA ASN A 227 12.47 12.89 -31.41
C ASN A 227 13.60 11.90 -31.77
N PHE A 228 13.83 10.84 -30.99
CA PHE A 228 14.94 9.86 -31.19
C PHE A 228 14.67 8.99 -32.43
N LYS A 229 15.68 8.86 -33.31
CA LYS A 229 15.79 7.80 -34.37
C LYS A 229 16.98 6.88 -34.06
N GLY A 230 17.16 5.79 -34.81
CA GLY A 230 18.21 4.78 -34.58
C GLY A 230 17.72 3.65 -33.69
N ARG A 231 18.64 2.94 -33.01
CA ARG A 231 18.36 1.74 -32.16
C ARG A 231 18.19 2.16 -30.70
N PRO A 232 16.97 2.15 -30.11
CA PRO A 232 16.78 2.56 -28.71
C PRO A 232 17.42 1.57 -27.71
N LEU A 233 18.07 2.06 -26.63
CA LEU A 233 18.81 1.24 -25.62
C LEU A 233 17.90 0.93 -24.42
N ALA A 234 16.71 1.55 -24.42
CA ALA A 234 15.71 1.52 -23.32
C ALA A 234 14.32 1.82 -23.85
N PRO A 235 13.27 1.44 -23.08
CA PRO A 235 11.91 1.96 -23.29
C PRO A 235 11.82 3.50 -23.36
N GLY A 236 10.80 4.03 -24.05
CA GLY A 236 10.37 5.44 -23.93
C GLY A 236 11.21 6.44 -24.71
N MET A 237 11.94 5.99 -25.75
CA MET A 237 12.91 6.80 -26.55
C MET A 237 12.42 6.92 -28.01
N LYS A 238 12.18 5.76 -28.64
CA LYS A 238 11.73 5.65 -30.06
C LYS A 238 10.21 5.41 -30.09
N TYR A 239 9.55 5.92 -31.12
CA TYR A 239 8.10 5.75 -31.47
C TYR A 239 7.20 6.71 -30.68
N ARG A 240 6.02 6.99 -31.24
CA ARG A 240 4.88 7.66 -30.56
C ARG A 240 4.57 6.91 -29.25
N HIS A 241 4.32 7.65 -28.15
CA HIS A 241 4.05 7.10 -26.80
C HIS A 241 2.97 7.90 -26.07
N TYR A 242 2.27 7.26 -25.14
CA TYR A 242 1.43 7.86 -24.08
C TYR A 242 0.22 8.57 -24.70
N ALA A 243 -0.17 8.20 -25.94
CA ALA A 243 -1.01 9.03 -26.85
C ALA A 243 -2.48 8.66 -26.72
N PRO A 244 -3.39 9.64 -26.49
CA PRO A 244 -4.83 9.35 -26.47
C PRO A 244 -5.38 9.16 -27.90
N LEU A 245 -6.62 8.68 -28.03
CA LEU A 245 -7.25 8.31 -29.34
C LEU A 245 -7.70 9.58 -30.07
N LYS A 246 -7.60 10.73 -29.41
CA LYS A 246 -7.98 12.06 -29.93
C LYS A 246 -6.71 12.88 -30.06
N PRO A 247 -6.58 13.72 -31.11
CA PRO A 247 -5.41 14.60 -31.26
C PRO A 247 -5.09 15.41 -30.00
N LEU A 248 -3.83 15.35 -29.54
CA LEU A 248 -3.35 16.05 -28.32
C LEU A 248 -2.60 17.34 -28.71
N ILE A 249 -3.13 18.49 -28.29
CA ILE A 249 -2.54 19.85 -28.47
C ILE A 249 -1.91 20.28 -27.14
N LEU A 250 -0.58 20.27 -27.07
CA LEU A 250 0.22 20.68 -25.89
C LEU A 250 0.57 22.16 -26.04
N VAL A 251 0.29 22.96 -25.01
CA VAL A 251 0.46 24.45 -25.04
C VAL A 251 1.53 24.84 -24.00
N GLU A 252 2.78 24.94 -24.44
CA GLU A 252 3.95 25.31 -23.59
C GLU A 252 3.84 26.80 -23.24
N ASP A 253 3.56 27.64 -24.23
CA ASP A 253 3.34 29.10 -24.09
C ASP A 253 1.85 29.36 -23.84
N LEU A 254 1.45 29.57 -22.57
CA LEU A 254 0.04 29.69 -22.10
C LEU A 254 -0.61 31.02 -22.52
N THR A 255 0.13 32.01 -23.03
CA THR A 255 -0.47 33.28 -23.50
C THR A 255 -1.18 33.04 -24.86
N LYS A 256 -0.91 31.91 -25.51
CA LYS A 256 -1.56 31.50 -26.79
C LYS A 256 -2.81 30.65 -26.50
N MET A 257 -3.09 30.36 -25.23
CA MET A 257 -4.26 29.53 -24.81
C MET A 257 -5.55 30.18 -25.35
N GLU A 258 -5.67 31.51 -25.30
CA GLU A 258 -6.82 32.23 -25.93
C GLU A 258 -6.95 31.73 -27.38
N GLU A 259 -5.86 31.77 -28.14
CA GLU A 259 -5.81 31.57 -29.62
C GLU A 259 -6.09 30.11 -29.95
N VAL A 260 -5.50 29.19 -29.18
CA VAL A 260 -5.61 27.72 -29.42
C VAL A 260 -7.07 27.30 -29.28
N LEU A 261 -7.72 27.67 -28.18
CA LEU A 261 -9.14 27.35 -27.89
C LEU A 261 -10.01 27.79 -29.07
N LYS A 262 -9.73 28.96 -29.66
CA LYS A 262 -10.53 29.51 -30.78
C LYS A 262 -10.19 28.74 -32.07
N LYS A 263 -8.94 28.34 -32.28
CA LYS A 263 -8.54 27.59 -33.52
C LYS A 263 -9.14 26.17 -33.48
N TYR A 264 -9.25 25.55 -32.30
CA TYR A 264 -9.73 24.16 -32.13
C TYR A 264 -11.01 24.14 -31.28
N PRO A 265 -12.16 24.64 -31.82
CA PRO A 265 -13.38 24.82 -31.03
C PRO A 265 -13.87 23.57 -30.29
N ASP A 266 -14.03 22.42 -30.97
CA ASP A 266 -14.56 21.17 -30.35
C ASP A 266 -13.45 20.55 -29.47
N HIS A 267 -13.30 21.05 -28.23
CA HIS A 267 -12.17 20.75 -27.31
C HIS A 267 -12.64 20.31 -25.93
N VAL A 268 -11.79 19.53 -25.25
CA VAL A 268 -11.71 19.44 -23.77
C VAL A 268 -10.26 19.79 -23.37
N VAL A 269 -10.12 20.55 -22.29
CA VAL A 269 -8.82 21.08 -21.76
C VAL A 269 -8.41 20.25 -20.54
N ILE A 270 -7.16 19.81 -20.48
CA ILE A 270 -6.56 19.23 -19.24
C ILE A 270 -5.73 20.33 -18.60
N CYS A 271 -6.07 20.73 -17.38
CA CYS A 271 -5.54 21.96 -16.73
C CYS A 271 -5.30 21.70 -15.25
N VAL A 272 -4.68 22.66 -14.56
CA VAL A 272 -4.39 22.61 -13.10
C VAL A 272 -5.55 23.26 -12.34
N GLU A 273 -5.63 22.97 -11.04
CA GLU A 273 -6.71 23.41 -10.11
C GLU A 273 -6.74 24.94 -10.10
N GLU A 274 -5.57 25.57 -10.14
CA GLU A 274 -5.39 27.04 -10.00
C GLU A 274 -5.85 27.77 -11.27
N ARG A 275 -6.15 27.06 -12.37
CA ARG A 275 -6.64 27.69 -13.63
C ARG A 275 -7.94 27.02 -14.09
N LYS A 276 -8.61 26.25 -13.22
CA LYS A 276 -9.85 25.48 -13.51
C LYS A 276 -10.99 26.42 -13.95
N GLU A 277 -11.29 27.49 -13.20
CA GLU A 277 -12.38 28.42 -13.60
C GLU A 277 -11.78 29.41 -14.61
N LEU A 278 -11.40 28.90 -15.79
CA LEU A 278 -10.98 29.67 -17.00
C LEU A 278 -11.51 29.02 -18.28
N TYR A 279 -11.91 27.75 -18.19
CA TYR A 279 -12.30 26.89 -19.35
C TYR A 279 -13.68 26.31 -19.06
N ASP A 280 -14.59 26.29 -20.05
CA ASP A 280 -15.98 25.76 -19.84
C ASP A 280 -15.91 24.23 -19.69
N ASP A 281 -15.37 23.51 -20.67
CA ASP A 281 -15.24 22.03 -20.62
C ASP A 281 -13.78 21.65 -20.31
N ARG A 282 -13.51 21.04 -19.14
CA ARG A 282 -12.13 20.78 -18.65
C ARG A 282 -12.07 19.60 -17.66
N ILE A 283 -10.96 18.86 -17.69
CA ILE A 283 -10.57 17.84 -16.67
C ILE A 283 -9.45 18.42 -15.80
N VAL A 284 -9.63 18.47 -14.48
CA VAL A 284 -8.58 18.94 -13.53
C VAL A 284 -7.64 17.78 -13.20
N VAL A 285 -6.38 17.85 -13.64
CA VAL A 285 -5.38 16.76 -13.52
C VAL A 285 -4.70 16.81 -12.14
N GLY A 286 -4.75 17.97 -11.46
CA GLY A 286 -4.10 18.15 -10.15
C GLY A 286 -3.71 19.58 -9.92
N SER A 287 -3.02 19.85 -8.82
CA SER A 287 -2.65 21.20 -8.33
C SER A 287 -1.15 21.48 -8.58
N LEU A 288 -0.80 22.74 -8.85
CA LEU A 288 0.61 23.22 -8.95
C LEU A 288 1.24 23.27 -7.56
N LYS A 289 0.44 23.46 -6.50
CA LYS A 289 0.93 23.38 -5.09
C LYS A 289 1.30 21.92 -4.74
N ASN A 290 0.81 20.92 -5.50
CA ASN A 290 1.19 19.49 -5.26
C ASN A 290 1.48 18.81 -6.59
N PRO A 291 2.68 19.07 -7.17
CA PRO A 291 3.04 18.56 -8.50
C PRO A 291 2.94 17.03 -8.60
N TYR A 292 3.16 16.30 -7.50
CA TYR A 292 3.07 14.80 -7.49
C TYR A 292 1.62 14.42 -7.86
N SER A 293 0.61 15.19 -7.45
CA SER A 293 -0.81 14.97 -7.85
C SER A 293 -0.94 14.99 -9.39
N ILE A 294 -0.20 15.86 -10.09
CA ILE A 294 -0.29 15.99 -11.57
C ILE A 294 0.31 14.76 -12.25
N ALA A 295 1.49 14.36 -11.81
CA ALA A 295 2.15 13.14 -12.31
C ALA A 295 1.23 11.93 -12.07
N GLN A 296 0.61 11.86 -10.90
CA GLN A 296 -0.20 10.70 -10.45
C GLN A 296 -1.38 10.47 -11.40
N ASN A 297 -1.93 11.55 -11.97
CA ASN A 297 -3.24 11.55 -12.67
C ASN A 297 -3.15 11.78 -14.17
N ILE A 298 -1.97 12.08 -14.71
CA ILE A 298 -1.86 12.61 -16.10
C ILE A 298 -2.34 11.53 -17.11
N PHE A 299 -1.87 10.29 -16.99
CA PHE A 299 -2.25 9.20 -17.93
C PHE A 299 -3.75 8.91 -17.80
N SER A 300 -4.28 8.92 -16.57
CA SER A 300 -5.73 8.84 -16.26
C SER A 300 -6.51 9.93 -16.98
N ALA A 301 -6.02 11.18 -16.88
CA ALA A 301 -6.65 12.36 -17.49
C ALA A 301 -6.72 12.18 -19.00
N LEU A 302 -5.65 11.67 -19.62
CA LEU A 302 -5.60 11.43 -21.09
C LEU A 302 -6.70 10.43 -21.47
N ARG A 303 -6.93 9.40 -20.63
CA ARG A 303 -7.91 8.33 -20.92
C ARG A 303 -9.34 8.85 -20.70
N GLU A 304 -9.63 9.60 -19.65
CA GLU A 304 -10.99 10.23 -19.48
C GLU A 304 -11.21 11.16 -20.68
N ALA A 305 -10.23 12.03 -20.98
CA ALA A 305 -10.36 13.13 -21.96
C ALA A 305 -10.81 12.58 -23.31
N GLU A 306 -10.21 11.49 -23.77
CA GLU A 306 -10.46 10.90 -25.11
C GLU A 306 -11.87 10.30 -25.20
N LYS A 307 -12.61 10.23 -24.09
CA LYS A 307 -13.99 9.64 -24.04
C LYS A 307 -15.07 10.73 -23.94
N MET A 308 -14.71 12.01 -24.01
CA MET A 308 -15.67 13.13 -23.73
C MET A 308 -16.44 13.49 -25.01
N GLY A 309 -16.15 12.78 -26.12
CA GLY A 309 -16.80 12.99 -27.41
C GLY A 309 -16.43 14.31 -28.05
N LYS A 310 -15.28 14.88 -27.67
CA LYS A 310 -14.69 16.13 -28.26
C LYS A 310 -13.62 15.73 -29.29
N GLU A 311 -13.34 16.63 -30.25
CA GLU A 311 -12.47 16.38 -31.42
C GLU A 311 -11.01 16.45 -31.00
N TYR A 312 -10.70 17.37 -30.08
CA TYR A 312 -9.32 17.79 -29.70
C TYR A 312 -9.20 17.78 -28.17
N ILE A 313 -8.10 17.24 -27.66
CA ILE A 313 -7.74 17.34 -26.22
C ILE A 313 -6.64 18.37 -26.13
N ILE A 314 -6.83 19.39 -25.31
CA ILE A 314 -5.87 20.51 -25.16
C ILE A 314 -5.28 20.45 -23.75
N VAL A 315 -3.95 20.45 -23.64
CA VAL A 315 -3.21 20.34 -22.35
C VAL A 315 -2.33 21.57 -22.14
N GLU A 316 -2.44 22.15 -20.95
CA GLU A 316 -1.49 23.16 -20.40
C GLU A 316 -0.11 22.53 -20.27
N GLY A 317 0.94 23.28 -20.63
CA GLY A 317 2.34 22.96 -20.30
C GLY A 317 2.64 23.25 -18.85
N PHE A 318 3.80 22.78 -18.38
CA PHE A 318 4.28 22.98 -16.99
C PHE A 318 5.76 23.36 -17.05
N GLU A 319 6.27 23.99 -15.99
CA GLU A 319 7.73 24.06 -15.66
C GLU A 319 8.42 22.72 -16.00
N GLU A 320 9.47 22.78 -16.81
CA GLU A 320 10.45 21.67 -17.01
C GLU A 320 11.31 21.57 -15.74
N ARG A 321 10.70 21.31 -14.57
CA ARG A 321 11.41 21.17 -13.26
C ARG A 321 10.79 20.03 -12.44
N GLY A 322 11.60 19.40 -11.57
CA GLY A 322 11.20 18.27 -10.72
C GLY A 322 10.36 17.28 -11.48
N ILE A 323 9.30 16.77 -10.87
CA ILE A 323 8.47 15.69 -11.46
C ILE A 323 7.79 16.21 -12.73
N LEU A 324 7.55 17.52 -12.84
CA LEU A 324 6.88 18.08 -14.03
C LEU A 324 7.80 17.98 -15.27
N PHE A 325 9.12 17.92 -15.12
CA PHE A 325 10.05 17.56 -16.22
C PHE A 325 9.58 16.25 -16.87
N ALA A 326 9.38 15.21 -16.05
CA ALA A 326 8.92 13.89 -16.50
C ALA A 326 7.53 14.00 -17.17
N VAL A 327 6.60 14.74 -16.55
CA VAL A 327 5.25 14.93 -17.12
C VAL A 327 5.38 15.50 -18.54
N MET A 328 6.21 16.55 -18.71
CA MET A 328 6.37 17.25 -20.00
C MET A 328 7.01 16.33 -21.04
N ASN A 329 7.93 15.46 -20.62
CA ASN A 329 8.58 14.47 -21.52
C ASN A 329 7.48 13.57 -22.08
N ARG A 330 6.60 13.08 -21.21
CA ARG A 330 5.46 12.21 -21.59
C ARG A 330 4.55 12.99 -22.55
N LEU A 331 4.16 14.21 -22.20
CA LEU A 331 3.19 14.99 -23.01
C LEU A 331 3.77 15.33 -24.40
N ARG A 332 5.09 15.53 -24.51
CA ARG A 332 5.75 15.91 -25.78
C ARG A 332 5.80 14.69 -26.71
N LYS A 333 5.96 13.49 -26.15
CA LYS A 333 6.01 12.24 -26.95
C LYS A 333 4.58 11.89 -27.39
N ALA A 334 3.56 12.47 -26.76
CA ALA A 334 2.13 12.15 -26.99
C ALA A 334 1.52 13.12 -28.01
N ALA A 335 1.87 14.40 -27.90
CA ALA A 335 1.25 15.56 -28.58
C ALA A 335 1.21 15.34 -30.10
N THR A 336 0.07 15.61 -30.74
CA THR A 336 -0.03 15.70 -32.22
C THR A 336 0.53 17.07 -32.66
N GLU A 337 0.29 18.13 -31.88
CA GLU A 337 0.88 19.48 -32.14
C GLU A 337 1.41 20.08 -30.82
N ILE A 338 2.53 20.81 -30.89
CA ILE A 338 3.12 21.58 -29.76
C ILE A 338 3.17 23.07 -30.13
N VAL A 339 2.43 23.88 -29.38
CA VAL A 339 2.34 25.36 -29.49
C VAL A 339 3.32 25.96 -28.48
N ARG A 340 4.48 26.44 -28.96
CA ARG A 340 5.66 26.82 -28.14
C ARG A 340 5.89 28.34 -28.20
N ALA B 5 -13.95 20.04 17.12
CA ALA B 5 -12.91 19.76 16.08
C ALA B 5 -13.59 19.77 14.72
N SER B 6 -13.04 20.53 13.78
CA SER B 6 -13.47 20.64 12.37
C SER B 6 -12.65 19.62 11.55
N THR B 7 -13.17 18.44 11.29
CA THR B 7 -12.38 17.27 10.88
C THR B 7 -11.95 17.39 9.42
N ARG B 8 -10.66 17.18 9.17
CA ARG B 8 -10.09 17.03 7.81
C ARG B 8 -9.73 15.58 7.59
N VAL B 9 -9.99 15.07 6.40
CA VAL B 9 -9.60 13.70 5.95
C VAL B 9 -8.66 13.90 4.77
N LEU B 10 -7.38 13.59 4.94
CA LEU B 10 -6.34 13.68 3.90
C LEU B 10 -5.99 12.26 3.44
N LYS B 11 -6.20 11.99 2.15
CA LYS B 11 -5.95 10.70 1.49
C LYS B 11 -4.46 10.67 1.16
N VAL B 12 -3.78 9.57 1.43
CA VAL B 12 -2.34 9.35 1.05
C VAL B 12 -2.22 7.95 0.47
N ASP B 13 -1.18 7.80 -0.33
CA ASP B 13 -0.73 6.48 -0.81
C ASP B 13 -0.10 5.73 0.35
N PRO B 14 -0.44 4.44 0.54
CA PRO B 14 0.18 3.64 1.58
C PRO B 14 1.67 3.31 1.42
N LEU B 15 2.23 3.27 0.21
CA LEU B 15 3.66 2.94 -0.03
C LEU B 15 4.55 4.20 0.00
N PHE B 16 4.11 5.27 -0.65
CA PHE B 16 4.83 6.56 -0.84
C PHE B 16 3.87 7.68 -0.47
N PRO B 17 3.57 7.88 0.83
CA PRO B 17 2.70 8.96 1.24
C PRO B 17 3.41 10.32 1.06
N ASP B 18 2.60 11.27 0.59
CA ASP B 18 2.86 12.73 0.54
C ASP B 18 3.40 13.22 1.88
N GLU B 19 4.68 13.59 1.95
CA GLU B 19 5.31 14.16 3.17
C GLU B 19 4.58 15.45 3.63
N LYS B 20 3.98 16.23 2.72
CA LYS B 20 3.21 17.46 3.09
C LYS B 20 2.06 17.04 4.02
N VAL B 21 1.33 15.98 3.70
CA VAL B 21 0.22 15.48 4.56
C VAL B 21 0.78 15.04 5.93
N LEU B 22 1.89 14.31 5.95
CA LEU B 22 2.50 13.80 7.21
C LEU B 22 3.07 14.94 8.05
N LYS B 23 3.73 15.92 7.41
CA LYS B 23 4.18 17.19 8.07
C LYS B 23 2.98 17.88 8.74
N GLU B 24 1.85 18.00 8.04
CA GLU B 24 0.66 18.66 8.62
C GLU B 24 0.18 17.87 9.84
N ALA B 25 0.20 16.54 9.79
CA ALA B 25 -0.20 15.67 10.91
C ALA B 25 0.78 15.82 12.08
N ALA B 26 2.08 15.86 11.78
CA ALA B 26 3.14 16.06 12.79
C ALA B 26 2.99 17.42 13.48
N GLU B 27 2.55 18.47 12.78
CA GLU B 27 2.31 19.81 13.38
C GLU B 27 1.15 19.72 14.37
N LEU B 28 0.07 19.03 14.03
CA LEU B 28 -1.07 18.82 14.94
C LEU B 28 -0.58 18.07 16.21
N LEU B 29 0.21 17.01 16.08
CA LEU B 29 0.78 16.28 17.25
C LEU B 29 1.63 17.23 18.11
N ARG B 30 2.42 18.10 17.48
CA ARG B 30 3.31 19.05 18.21
C ARG B 30 2.48 20.03 19.03
N ASN B 31 1.32 20.43 18.53
N ASN B 31 1.31 20.41 18.50
CA ASN B 31 0.38 21.33 19.26
CA ASN B 31 0.34 21.31 19.17
C ASN B 31 -0.52 20.51 20.18
C ASN B 31 -0.50 20.51 20.17
N GLY B 32 -0.21 19.23 20.40
CA GLY B 32 -0.85 18.43 21.46
C GLY B 32 -2.26 18.00 21.08
N GLU B 33 -2.50 17.80 19.80
CA GLU B 33 -3.81 17.39 19.25
C GLU B 33 -3.78 15.88 19.04
N VAL B 34 -4.97 15.31 18.87
CA VAL B 34 -5.14 13.88 18.58
C VAL B 34 -5.46 13.73 17.09
N ILE B 35 -4.77 12.82 16.40
CA ILE B 35 -5.00 12.53 14.96
C ILE B 35 -5.22 11.02 14.78
N ILE B 36 -5.86 10.65 13.67
CA ILE B 36 -6.11 9.22 13.34
C ILE B 36 -5.24 8.88 12.12
N PHE B 37 -4.58 7.72 12.17
CA PHE B 37 -3.57 7.26 11.19
C PHE B 37 -3.73 5.76 10.97
N PRO B 38 -3.39 5.27 9.77
CA PRO B 38 -3.45 3.84 9.47
C PRO B 38 -2.23 3.10 10.04
N THR B 39 -2.40 1.79 10.29
CA THR B 39 -1.30 0.82 10.47
C THR B 39 -1.63 -0.41 9.62
N GLU B 40 -0.74 -1.41 9.62
CA GLU B 40 -0.97 -2.67 8.87
C GLU B 40 -2.07 -3.48 9.59
N THR B 41 -2.41 -3.15 10.84
CA THR B 41 -3.42 -3.90 11.65
C THR B 41 -4.78 -3.19 11.59
N VAL B 42 -4.95 -2.18 12.43
CA VAL B 42 -6.19 -1.36 12.51
C VAL B 42 -5.76 0.11 12.54
N TYR B 43 -6.69 1.03 12.27
CA TYR B 43 -6.42 2.48 12.37
C TYR B 43 -6.15 2.76 13.85
N GLY B 44 -5.28 3.74 14.12
CA GLY B 44 -4.99 4.22 15.47
C GLY B 44 -5.45 5.65 15.65
N ILE B 45 -5.75 6.01 16.89
CA ILE B 45 -6.00 7.40 17.34
C ILE B 45 -4.88 7.76 18.34
N GLY B 46 -4.08 8.75 17.97
CA GLY B 46 -2.72 8.93 18.52
C GLY B 46 -2.45 10.35 18.96
N ALA B 47 -1.54 10.47 19.93
CA ALA B 47 -1.06 11.74 20.48
C ALA B 47 0.42 11.57 20.82
N ASP B 48 1.12 12.68 20.99
CA ASP B 48 2.50 12.77 21.49
C ASP B 48 2.55 11.91 22.76
N ALA B 49 3.32 10.83 22.74
CA ALA B 49 3.45 9.89 23.87
C ALA B 49 4.08 10.59 25.08
N TYR B 50 4.75 11.73 24.90
CA TYR B 50 5.41 12.50 25.98
C TYR B 50 4.48 13.60 26.50
N ASN B 51 3.27 13.75 25.96
CA ASN B 51 2.36 14.87 26.30
C ASN B 51 1.17 14.30 27.09
N GLU B 52 1.15 14.54 28.40
CA GLU B 52 0.13 14.03 29.37
C GLU B 52 -1.29 14.46 28.93
N GLU B 53 -1.49 15.74 28.60
CA GLU B 53 -2.83 16.34 28.35
C GLU B 53 -3.36 15.85 27.00
N ALA B 54 -2.50 15.70 26.00
CA ALA B 54 -2.87 15.18 24.67
C ALA B 54 -3.35 13.71 24.83
N CYS B 55 -2.59 12.89 25.54
CA CYS B 55 -2.92 11.46 25.73
C CYS B 55 -4.23 11.32 26.50
N LYS B 56 -4.49 12.19 27.48
CA LYS B 56 -5.79 12.22 28.21
C LYS B 56 -6.93 12.46 27.23
N LYS B 57 -6.74 13.34 26.25
CA LYS B 57 -7.78 13.59 25.20
C LYS B 57 -8.17 12.26 24.52
N ILE B 58 -7.23 11.33 24.33
CA ILE B 58 -7.53 9.99 23.74
C ILE B 58 -8.58 9.26 24.60
N PHE B 59 -8.44 9.26 25.92
CA PHE B 59 -9.39 8.58 26.83
C PHE B 59 -10.78 9.20 26.70
N LYS B 60 -10.84 10.54 26.68
CA LYS B 60 -12.10 11.34 26.56
C LYS B 60 -12.76 11.04 25.23
N LEU B 61 -12.05 11.12 24.10
CA LEU B 61 -12.64 10.93 22.76
C LEU B 61 -13.19 9.51 22.63
N LYS B 62 -12.50 8.51 23.19
CA LYS B 62 -12.91 7.08 23.09
C LYS B 62 -13.95 6.70 24.15
N GLU B 63 -14.08 7.46 25.26
CA GLU B 63 -14.85 7.07 26.48
C GLU B 63 -14.20 5.82 27.08
N ARG B 64 -12.88 5.86 27.19
CA ARG B 64 -12.02 4.73 27.57
C ARG B 64 -11.77 4.80 29.06
N PRO B 65 -11.89 3.68 29.80
CA PRO B 65 -11.49 3.65 31.22
C PRO B 65 -9.98 3.94 31.42
N ALA B 66 -9.66 4.67 32.49
CA ALA B 66 -8.28 5.13 32.81
C ALA B 66 -7.32 3.94 32.98
N ASP B 67 -7.80 2.79 33.44
CA ASP B 67 -6.94 1.64 33.80
C ASP B 67 -6.58 0.83 32.54
N ASN B 68 -6.97 1.27 31.35
CA ASN B 68 -6.70 0.53 30.09
C ASN B 68 -5.57 1.20 29.32
N PRO B 69 -4.31 0.69 29.38
CA PRO B 69 -3.16 1.45 28.90
C PRO B 69 -3.10 1.54 27.37
N LEU B 70 -2.26 2.46 26.87
CA LEU B 70 -2.07 2.71 25.42
C LEU B 70 -0.80 2.00 24.94
N ILE B 71 -0.73 1.67 23.66
CA ILE B 71 0.50 1.16 22.98
C ILE B 71 1.33 2.34 22.43
N VAL B 72 2.63 2.37 22.76
CA VAL B 72 3.62 3.38 22.31
C VAL B 72 4.20 2.88 20.98
N HIS B 73 3.96 3.63 19.91
CA HIS B 73 4.43 3.30 18.56
C HIS B 73 5.76 4.00 18.31
N ILE B 74 6.77 3.24 17.86
CA ILE B 74 8.14 3.74 17.57
C ILE B 74 8.45 3.39 16.11
N HIS B 75 9.46 4.04 15.56
CA HIS B 75 9.94 3.82 14.17
C HIS B 75 11.34 3.21 14.21
N SER B 76 11.99 3.20 15.37
CA SER B 76 13.44 2.87 15.44
C SER B 76 13.83 2.17 16.74
N PHE B 77 14.87 1.33 16.69
CA PHE B 77 15.43 0.57 17.85
C PHE B 77 16.08 1.53 18.83
N LYS B 78 16.64 2.65 18.35
CA LYS B 78 17.13 3.75 19.22
C LYS B 78 15.99 4.23 20.15
N GLN B 79 14.75 4.35 19.66
CA GLN B 79 13.62 4.87 20.49
C GLN B 79 13.29 3.87 21.60
N LEU B 80 13.39 2.56 21.32
CA LEU B 80 13.16 1.48 22.30
C LEU B 80 14.06 1.72 23.51
N GLU B 81 15.30 2.14 23.28
CA GLU B 81 16.34 2.36 24.30
C GLU B 81 16.00 3.57 25.19
N GLU B 82 15.30 4.58 24.65
CA GLU B 82 14.77 5.72 25.44
C GLU B 82 13.69 5.21 26.41
N ILE B 83 12.73 4.40 25.96
CA ILE B 83 11.45 4.14 26.69
C ILE B 83 11.47 2.81 27.49
N ALA B 84 12.28 1.81 27.12
CA ALA B 84 12.21 0.46 27.74
C ALA B 84 13.56 0.05 28.35
N GLU B 85 13.54 -0.82 29.37
CA GLU B 85 14.73 -1.52 29.91
C GLU B 85 14.47 -3.03 29.92
N GLY B 86 15.54 -3.83 29.84
CA GLY B 86 15.48 -5.31 29.91
C GLY B 86 15.23 -5.97 28.56
N TYR B 87 15.11 -5.19 27.47
CA TYR B 87 14.80 -5.70 26.12
C TYR B 87 16.04 -6.34 25.47
N GLU B 88 17.23 -6.15 26.07
CA GLU B 88 18.55 -6.60 25.54
C GLU B 88 18.48 -8.08 25.14
N PRO B 89 18.21 -9.06 26.02
CA PRO B 89 18.12 -10.46 25.59
C PRO B 89 17.14 -10.75 24.42
N HIS B 90 16.27 -9.81 24.10
CA HIS B 90 15.13 -10.05 23.18
C HIS B 90 15.33 -9.37 21.82
N LEU B 91 16.49 -8.74 21.56
CA LEU B 91 16.70 -7.95 20.31
C LEU B 91 16.66 -8.84 19.07
N ASP B 92 17.24 -10.04 19.07
CA ASP B 92 17.17 -10.97 17.91
C ASP B 92 15.70 -11.23 17.55
N PHE B 93 14.88 -11.58 18.53
CA PHE B 93 13.43 -11.81 18.40
C PHE B 93 12.76 -10.53 17.85
N LEU B 94 13.01 -9.38 18.46
CA LEU B 94 12.36 -8.12 18.00
C LEU B 94 12.77 -7.84 16.55
N LYS B 95 14.05 -8.02 16.20
CA LYS B 95 14.58 -7.82 14.82
C LYS B 95 13.93 -8.82 13.86
N LYS B 96 13.53 -10.02 14.28
CA LYS B 96 12.81 -10.97 13.39
C LYS B 96 11.42 -10.43 13.06
N PHE B 97 10.73 -9.74 13.98
CA PHE B 97 9.28 -9.48 13.83
C PHE B 97 8.95 -8.00 13.59
N TRP B 98 9.89 -7.07 13.82
CA TRP B 98 9.67 -5.61 13.66
C TRP B 98 10.47 -5.05 12.49
N PRO B 99 9.94 -4.05 11.78
CA PRO B 99 8.55 -3.63 11.95
C PRO B 99 7.50 -4.69 11.61
N GLY B 100 6.40 -4.74 12.36
CA GLY B 100 5.33 -5.71 12.07
C GLY B 100 4.28 -5.78 13.17
N PRO B 101 3.26 -6.64 12.97
CA PRO B 101 2.05 -6.64 13.80
C PRO B 101 2.27 -7.35 15.15
N LEU B 102 3.25 -6.87 15.90
CA LEU B 102 3.63 -7.41 17.22
C LEU B 102 3.76 -6.26 18.21
N THR B 103 3.11 -6.40 19.36
CA THR B 103 3.30 -5.50 20.53
C THR B 103 3.92 -6.31 21.66
N VAL B 104 4.89 -5.72 22.35
CA VAL B 104 5.65 -6.39 23.42
C VAL B 104 5.57 -5.50 24.66
N ILE B 105 5.48 -6.12 25.83
CA ILE B 105 5.47 -5.43 27.14
C ILE B 105 6.87 -5.53 27.73
N PHE B 106 7.44 -4.38 28.12
CA PHE B 106 8.76 -4.25 28.76
C PHE B 106 8.60 -3.47 30.06
N ARG B 107 9.55 -3.56 30.98
CA ARG B 107 9.68 -2.54 32.05
C ARG B 107 9.86 -1.16 31.39
N LYS B 108 9.20 -0.18 31.99
CA LYS B 108 9.24 1.25 31.63
C LYS B 108 10.55 1.83 32.15
N LYS B 109 11.35 2.45 31.29
CA LYS B 109 12.55 3.24 31.67
C LYS B 109 12.16 4.72 31.76
N SER B 110 11.45 5.20 30.73
CA SER B 110 11.23 6.64 30.44
C SER B 110 10.62 7.36 31.65
N GLU B 111 11.29 8.43 32.10
CA GLU B 111 10.66 9.49 32.93
C GLU B 111 9.66 10.22 32.03
N LYS B 112 9.94 10.31 30.72
CA LYS B 112 9.23 11.19 29.74
C LYS B 112 7.82 10.64 29.38
N ILE B 113 7.62 9.32 29.36
N ILE B 113 7.61 9.32 29.35
CA ILE B 113 6.27 8.70 29.14
CA ILE B 113 6.25 8.73 29.11
C ILE B 113 5.44 8.84 30.42
C ILE B 113 5.44 8.85 30.40
N PRO B 114 4.38 9.69 30.45
CA PRO B 114 3.66 9.94 31.70
C PRO B 114 2.73 8.79 32.13
N PRO B 115 2.34 8.77 33.42
CA PRO B 115 1.49 7.70 33.94
C PRO B 115 0.19 7.40 33.17
N VAL B 116 -0.46 8.41 32.57
CA VAL B 116 -1.76 8.22 31.86
C VAL B 116 -1.59 7.23 30.71
N VAL B 117 -0.42 7.22 30.04
CA VAL B 117 -0.15 6.32 28.86
C VAL B 117 -0.13 4.87 29.36
N THR B 118 0.50 4.62 30.50
CA THR B 118 0.78 3.23 30.95
C THR B 118 -0.22 2.81 32.03
N ALA B 119 -1.23 3.64 32.31
CA ALA B 119 -2.27 3.42 33.35
C ALA B 119 -1.62 3.28 34.72
N ASP B 120 -0.52 4.00 34.95
CA ASP B 120 0.19 4.10 36.25
C ASP B 120 0.99 2.80 36.51
N LEU B 121 1.21 1.95 35.50
CA LEU B 121 1.93 0.66 35.60
C LEU B 121 3.43 0.87 35.40
N PRO B 122 4.29 -0.01 35.97
CA PRO B 122 5.73 0.10 35.76
C PRO B 122 6.20 -0.54 34.44
N THR B 123 5.27 -0.93 33.58
CA THR B 123 5.54 -1.61 32.28
C THR B 123 4.99 -0.72 31.16
N VAL B 124 5.45 -0.93 29.94
CA VAL B 124 5.04 -0.15 28.74
C VAL B 124 4.87 -1.13 27.57
N ALA B 125 3.78 -0.99 26.83
CA ALA B 125 3.52 -1.74 25.59
C ALA B 125 4.11 -0.96 24.41
N VAL B 126 4.96 -1.62 23.63
CA VAL B 126 5.73 -1.01 22.51
C VAL B 126 5.42 -1.80 21.23
N ARG B 127 5.21 -1.08 20.14
CA ARG B 127 4.99 -1.65 18.79
C ARG B 127 5.76 -0.81 17.76
N MET B 128 6.44 -1.47 16.83
CA MET B 128 7.04 -0.82 15.65
C MET B 128 6.22 -1.21 14.43
N PRO B 129 5.26 -0.37 14.01
CA PRO B 129 4.29 -0.82 13.01
C PRO B 129 4.94 -0.91 11.62
N ALA B 130 4.56 -1.92 10.85
CA ALA B 130 5.02 -2.11 9.45
C ALA B 130 4.01 -1.45 8.51
N HIS B 131 3.96 -0.13 8.53
CA HIS B 131 3.15 0.69 7.60
C HIS B 131 3.95 1.96 7.33
N PRO B 132 4.37 2.21 6.07
CA PRO B 132 5.22 3.35 5.76
C PRO B 132 4.61 4.67 6.25
N VAL B 133 3.29 4.80 6.19
CA VAL B 133 2.59 6.01 6.70
C VAL B 133 2.89 6.19 8.20
N ALA B 134 2.72 5.15 9.02
CA ALA B 134 2.90 5.28 10.49
C ALA B 134 4.36 5.58 10.82
N LEU B 135 5.27 4.85 10.17
CA LEU B 135 6.74 4.93 10.36
C LEU B 135 7.21 6.35 9.97
N LYS B 136 6.84 6.82 8.79
CA LYS B 136 7.23 8.17 8.30
C LYS B 136 6.67 9.24 9.25
N LEU B 137 5.42 9.10 9.67
CA LEU B 137 4.76 10.07 10.58
C LEU B 137 5.56 10.14 11.88
N ILE B 138 5.88 8.98 12.46
CA ILE B 138 6.58 8.93 13.77
C ILE B 138 7.96 9.59 13.56
N GLU B 139 8.62 9.31 12.45
CA GLU B 139 9.97 9.82 12.17
C GLU B 139 9.92 11.35 11.99
N LEU B 140 8.96 11.84 11.22
CA LEU B 140 8.84 13.29 10.94
C LEU B 140 8.50 14.00 12.24
N PHE B 141 7.54 13.49 13.00
CA PHE B 141 7.07 14.10 14.27
C PHE B 141 8.24 14.19 15.27
N GLY B 142 9.00 13.11 15.41
CA GLY B 142 10.25 13.04 16.18
C GLY B 142 10.08 12.52 17.60
N HIS B 143 8.86 12.18 18.01
CA HIS B 143 8.55 11.43 19.26
C HIS B 143 7.74 10.18 18.94
N PRO B 144 7.71 9.20 19.87
CA PRO B 144 6.76 8.10 19.80
C PRO B 144 5.32 8.61 19.87
N ILE B 145 4.38 7.86 19.28
CA ILE B 145 2.92 8.14 19.30
C ILE B 145 2.24 7.05 20.15
N ALA B 146 1.55 7.46 21.21
CA ALA B 146 0.64 6.61 22.02
C ALA B 146 -0.69 6.54 21.28
N ALA B 147 -1.16 5.35 20.94
CA ALA B 147 -2.44 5.20 20.23
C ALA B 147 -3.09 3.86 20.55
N PRO B 148 -4.34 3.82 21.04
CA PRO B 148 -5.14 2.60 20.97
C PRO B 148 -5.78 2.53 19.58
N SER B 149 -6.62 1.52 19.38
CA SER B 149 -7.44 1.37 18.14
C SER B 149 -8.38 2.57 17.98
N ALA B 150 -8.55 3.03 16.74
CA ALA B 150 -9.48 4.13 16.41
C ALA B 150 -10.90 3.57 16.48
N ASN B 151 -11.56 3.72 17.61
CA ASN B 151 -12.99 3.38 17.77
C ASN B 151 -13.42 3.89 19.12
N ILE B 152 -14.71 4.17 19.29
CA ILE B 152 -15.33 4.29 20.64
C ILE B 152 -15.03 2.99 21.39
N SER B 153 -14.80 3.09 22.70
CA SER B 153 -14.37 1.92 23.48
C SER B 153 -15.49 0.89 23.43
N GLY B 154 -15.13 -0.37 23.23
CA GLY B 154 -16.08 -1.50 23.22
C GLY B 154 -16.61 -1.77 21.83
N ARG B 155 -16.30 -0.93 20.83
CA ARG B 155 -16.85 -1.08 19.45
C ARG B 155 -15.80 -1.73 18.58
N PRO B 156 -16.17 -2.27 17.41
CA PRO B 156 -15.23 -2.92 16.50
C PRO B 156 -14.14 -1.93 16.06
N SER B 157 -12.90 -2.39 15.98
CA SER B 157 -11.72 -1.57 15.62
C SER B 157 -11.85 -1.16 14.15
N ALA B 158 -11.61 0.13 13.87
CA ALA B 158 -11.79 0.71 12.52
C ALA B 158 -10.70 0.16 11.63
N THR B 159 -11.09 -0.33 10.46
CA THR B 159 -10.15 -0.90 9.48
C THR B 159 -10.25 -0.13 8.18
N ASN B 160 -11.11 0.88 8.08
CA ASN B 160 -11.16 1.83 6.93
C ASN B 160 -11.70 3.19 7.44
N VAL B 161 -11.64 4.22 6.61
CA VAL B 161 -11.97 5.60 7.03
C VAL B 161 -13.50 5.71 7.21
N LYS B 162 -14.29 4.98 6.44
CA LYS B 162 -15.76 4.89 6.66
C LYS B 162 -16.05 4.60 8.15
N HIS B 163 -15.35 3.66 8.79
CA HIS B 163 -15.61 3.31 10.20
C HIS B 163 -15.09 4.39 11.14
N VAL B 164 -13.93 4.95 10.82
CA VAL B 164 -13.35 6.06 11.62
C VAL B 164 -14.33 7.21 11.63
N ILE B 165 -14.91 7.51 10.46
CA ILE B 165 -15.81 8.68 10.28
C ILE B 165 -17.06 8.44 11.15
N GLU B 166 -17.58 7.22 11.17
CA GLU B 166 -18.74 6.87 12.05
C GLU B 166 -18.45 7.22 13.51
N ASP B 167 -17.24 6.99 13.99
CA ASP B 167 -16.90 7.15 15.43
C ASP B 167 -16.41 8.57 15.75
N PHE B 168 -15.75 9.31 14.84
CA PHE B 168 -14.95 10.52 15.22
C PHE B 168 -15.18 11.75 14.33
N MET B 169 -16.12 11.72 13.39
CA MET B 169 -16.43 12.90 12.58
C MET B 169 -16.91 14.02 13.52
N GLY B 170 -16.24 15.17 13.44
CA GLY B 170 -16.54 16.33 14.25
C GLY B 170 -15.80 16.30 15.57
N LYS B 171 -14.93 15.32 15.81
CA LYS B 171 -14.31 15.11 17.14
C LYS B 171 -12.78 15.16 17.06
N VAL B 172 -12.17 14.66 15.99
CA VAL B 172 -10.70 14.77 15.80
C VAL B 172 -10.45 15.70 14.61
N LYS B 173 -9.32 16.42 14.62
CA LYS B 173 -9.01 17.45 13.61
C LYS B 173 -8.50 16.79 12.32
N LEU B 174 -7.85 15.62 12.39
CA LEU B 174 -7.25 15.02 11.19
C LEU B 174 -7.36 13.49 11.21
N ILE B 175 -7.85 12.96 10.09
CA ILE B 175 -7.81 11.52 9.72
C ILE B 175 -6.91 11.39 8.49
N ILE B 176 -5.85 10.62 8.59
CA ILE B 176 -5.05 10.20 7.41
C ILE B 176 -5.68 8.91 6.89
N ASP B 177 -6.12 8.95 5.62
CA ASP B 177 -6.80 7.85 4.92
C ASP B 177 -5.79 7.15 4.03
N ALA B 178 -5.44 5.89 4.33
CA ALA B 178 -4.58 5.08 3.45
C ALA B 178 -5.35 3.85 2.96
N GLY B 179 -6.69 3.88 3.01
CA GLY B 179 -7.55 2.78 2.55
C GLY B 179 -7.72 1.73 3.62
N ASP B 180 -8.12 0.52 3.24
CA ASP B 180 -8.34 -0.61 4.19
C ASP B 180 -7.00 -1.10 4.74
N THR B 181 -6.97 -1.41 6.03
CA THR B 181 -5.78 -1.97 6.69
C THR B 181 -5.58 -3.39 6.17
N PRO B 182 -4.31 -3.77 5.92
CA PRO B 182 -3.95 -5.10 5.46
C PRO B 182 -4.55 -6.27 6.25
N PHE B 183 -4.21 -6.40 7.53
CA PHE B 183 -4.56 -7.57 8.38
C PHE B 183 -5.99 -7.47 8.93
N GLY B 184 -6.46 -6.29 9.31
CA GLY B 184 -7.85 -6.08 9.77
C GLY B 184 -8.00 -6.40 11.24
N LEU B 185 -6.93 -6.85 11.90
CA LEU B 185 -6.95 -7.29 13.32
C LEU B 185 -5.73 -6.72 14.03
N GLU B 186 -5.90 -6.39 15.31
CA GLU B 186 -4.86 -5.80 16.16
C GLU B 186 -3.69 -6.74 16.32
N SER B 187 -2.53 -6.16 16.59
CA SER B 187 -1.24 -6.86 16.81
C SER B 187 -1.37 -7.94 17.90
N THR B 188 -0.64 -9.03 17.74
CA THR B 188 -0.31 -9.96 18.83
C THR B 188 0.40 -9.18 19.96
N ILE B 189 0.01 -9.40 21.21
CA ILE B 189 0.70 -8.84 22.39
C ILE B 189 1.34 -9.96 23.22
N VAL B 190 2.65 -9.92 23.33
CA VAL B 190 3.46 -10.79 24.21
C VAL B 190 4.02 -9.93 25.34
N ASP B 191 3.82 -10.37 26.57
CA ASP B 191 4.51 -9.79 27.74
C ASP B 191 5.85 -10.54 27.92
N LEU B 192 6.97 -9.83 28.05
CA LEU B 192 8.32 -10.44 28.27
C LEU B 192 8.88 -9.98 29.62
N THR B 193 8.04 -9.46 30.51
CA THR B 193 8.44 -8.96 31.85
C THR B 193 8.46 -10.08 32.89
N LYS B 194 7.97 -11.29 32.62
CA LYS B 194 7.92 -12.39 33.64
C LYS B 194 8.92 -13.50 33.30
N GLU B 195 9.09 -14.47 34.21
CA GLU B 195 9.95 -15.69 34.05
C GLU B 195 9.61 -16.37 32.72
N LYS B 196 8.31 -16.52 32.42
CA LYS B 196 7.85 -17.18 31.16
C LYS B 196 7.12 -16.13 30.33
N PRO B 197 7.33 -16.11 29.00
CA PRO B 197 6.57 -15.19 28.14
C PRO B 197 5.06 -15.47 28.22
N VAL B 198 4.24 -14.43 28.14
CA VAL B 198 2.76 -14.56 28.29
C VAL B 198 2.11 -13.93 27.06
N LEU B 199 1.22 -14.66 26.40
CA LEU B 199 0.43 -14.10 25.26
C LEU B 199 -0.77 -13.35 25.85
N LEU B 200 -0.85 -12.02 25.68
CA LEU B 200 -1.97 -11.21 26.26
C LEU B 200 -3.09 -11.01 25.23
N ARG B 201 -2.79 -11.13 23.93
CA ARG B 201 -3.80 -10.96 22.85
C ARG B 201 -3.30 -11.62 21.57
N PRO B 202 -4.06 -12.54 20.94
CA PRO B 202 -3.64 -13.10 19.66
C PRO B 202 -3.86 -12.10 18.52
N GLY B 203 -3.03 -12.21 17.49
CA GLY B 203 -3.14 -11.42 16.26
C GLY B 203 -2.40 -12.09 15.11
N PRO B 204 -1.93 -11.28 14.14
CA PRO B 204 -1.26 -11.79 12.94
C PRO B 204 0.06 -12.55 13.15
N VAL B 205 0.76 -12.31 14.27
CA VAL B 205 1.87 -13.22 14.69
C VAL B 205 1.20 -14.41 15.38
N GLU B 206 1.14 -15.55 14.69
CA GLU B 206 0.32 -16.72 15.08
C GLU B 206 0.91 -17.39 16.33
N VAL B 207 0.03 -17.84 17.22
CA VAL B 207 0.40 -18.54 18.48
C VAL B 207 1.35 -19.69 18.16
N GLU B 208 1.11 -20.42 17.07
CA GLU B 208 1.94 -21.59 16.69
C GLU B 208 3.37 -21.12 16.39
N ARG B 209 3.51 -19.98 15.74
CA ARG B 209 4.82 -19.36 15.46
C ARG B 209 5.50 -19.03 16.79
N LEU B 210 4.78 -18.44 17.75
CA LEU B 210 5.35 -18.04 19.06
C LEU B 210 5.76 -19.25 19.89
N LYS B 211 4.99 -20.34 19.84
CA LYS B 211 5.29 -21.59 20.60
C LYS B 211 6.59 -22.21 20.07
N GLU B 212 6.86 -22.14 18.77
CA GLU B 212 8.16 -22.53 18.18
C GLU B 212 9.28 -21.79 18.91
N LEU B 213 9.16 -20.47 19.03
CA LEU B 213 10.23 -19.57 19.56
C LEU B 213 10.30 -19.59 21.09
N PHE B 214 9.15 -19.68 21.74
CA PHE B 214 9.00 -19.70 23.22
C PHE B 214 8.25 -20.98 23.61
N PRO B 215 8.93 -22.14 23.75
CA PRO B 215 8.25 -23.37 24.16
C PRO B 215 7.39 -23.18 25.43
N GLU B 216 7.84 -22.37 26.40
CA GLU B 216 7.13 -22.16 27.69
C GLU B 216 6.04 -21.08 27.58
N LEU B 217 5.65 -20.67 26.38
CA LEU B 217 4.66 -19.58 26.22
C LEU B 217 3.41 -19.93 27.03
N VAL B 218 2.93 -19.01 27.85
CA VAL B 218 1.66 -19.23 28.61
C VAL B 218 0.57 -18.48 27.89
N VAL B 219 -0.57 -19.15 27.76
CA VAL B 219 -1.82 -18.63 27.15
C VAL B 219 -2.86 -18.63 28.27
N PRO B 220 -3.05 -17.50 28.98
CA PRO B 220 -4.04 -17.44 30.05
C PRO B 220 -5.46 -17.74 29.56
N ASP B 221 -6.32 -18.09 30.50
CA ASP B 221 -7.75 -18.44 30.28
C ASP B 221 -8.42 -17.31 29.51
N PHE B 222 -8.15 -16.04 29.88
CA PHE B 222 -8.90 -14.89 29.31
C PHE B 222 -8.70 -14.81 27.79
N VAL B 223 -7.60 -15.33 27.25
CA VAL B 223 -7.35 -15.32 25.77
C VAL B 223 -8.27 -16.31 25.05
N ARG B 224 -8.64 -17.40 25.73
N ARG B 224 -8.66 -17.41 25.70
CA ARG B 224 -9.46 -18.53 25.21
CA ARG B 224 -9.50 -18.49 25.10
C ARG B 224 -10.96 -18.29 25.44
C ARG B 224 -10.98 -18.31 25.43
N LYS B 225 -11.35 -17.52 26.46
CA LYS B 225 -12.77 -17.30 26.84
C LYS B 225 -13.19 -15.83 26.62
N GLY B 226 -12.29 -14.87 26.91
CA GLY B 226 -12.60 -13.46 27.24
C GLY B 226 -13.33 -13.37 28.58
N ASN B 227 -12.59 -13.36 29.71
CA ASN B 227 -13.16 -13.23 31.10
C ASN B 227 -12.13 -12.61 32.11
N PHE B 228 -11.32 -11.60 31.73
CA PHE B 228 -10.31 -10.96 32.64
C PHE B 228 -10.94 -9.91 33.58
N LYS B 229 -10.84 -10.16 34.90
CA LYS B 229 -11.05 -9.18 36.02
C LYS B 229 -9.69 -8.85 36.69
N GLY B 230 -9.38 -7.57 36.90
CA GLY B 230 -8.15 -7.05 37.55
C GLY B 230 -7.59 -5.83 36.84
N ARG B 231 -6.28 -5.56 36.96
CA ARG B 231 -5.59 -4.45 36.23
C ARG B 231 -5.08 -5.00 34.90
N PRO B 232 -5.59 -4.55 33.72
CA PRO B 232 -5.02 -4.98 32.44
C PRO B 232 -3.56 -4.53 32.41
N LEU B 233 -2.67 -5.26 31.71
CA LEU B 233 -1.23 -4.91 31.47
C LEU B 233 -1.06 -4.45 30.01
N ALA B 234 -2.10 -4.65 29.20
CA ALA B 234 -2.21 -4.21 27.79
C ALA B 234 -3.67 -4.10 27.35
N PRO B 235 -3.95 -3.45 26.19
CA PRO B 235 -5.29 -3.46 25.61
C PRO B 235 -5.88 -4.89 25.49
N GLY B 236 -7.20 -5.01 25.30
CA GLY B 236 -7.89 -6.24 24.84
C GLY B 236 -8.03 -7.34 25.89
N MET B 237 -7.72 -7.06 27.17
CA MET B 237 -7.87 -7.98 28.32
C MET B 237 -9.21 -7.71 29.05
N LYS B 238 -9.39 -6.48 29.59
CA LYS B 238 -10.53 -6.10 30.49
C LYS B 238 -11.58 -5.30 29.69
N TYR B 239 -12.89 -5.49 30.02
CA TYR B 239 -14.08 -4.77 29.48
C TYR B 239 -14.60 -5.48 28.20
N ARG B 240 -15.86 -5.20 27.80
CA ARG B 240 -16.44 -5.69 26.51
C ARG B 240 -15.65 -5.05 25.37
N HIS B 241 -15.52 -5.77 24.25
CA HIS B 241 -14.76 -5.28 23.08
C HIS B 241 -15.39 -5.74 21.78
N TYR B 242 -15.08 -4.99 20.73
CA TYR B 242 -15.25 -5.37 19.31
C TYR B 242 -16.74 -5.56 19.01
N ALA B 243 -17.63 -4.94 19.80
CA ALA B 243 -19.05 -5.32 19.91
C ALA B 243 -19.91 -4.53 18.94
N PRO B 244 -20.80 -5.19 18.16
CA PRO B 244 -21.79 -4.49 17.35
C PRO B 244 -22.99 -4.02 18.20
N LEU B 245 -23.85 -3.17 17.63
CA LEU B 245 -25.00 -2.57 18.35
C LEU B 245 -26.21 -3.49 18.24
N LYS B 246 -25.99 -4.77 17.97
CA LYS B 246 -27.03 -5.82 17.95
C LYS B 246 -26.53 -7.00 18.75
N PRO B 247 -27.45 -7.84 19.26
CA PRO B 247 -27.07 -9.13 19.84
C PRO B 247 -26.24 -9.94 18.83
N LEU B 248 -25.16 -10.56 19.27
CA LEU B 248 -24.28 -11.41 18.44
C LEU B 248 -24.27 -12.82 19.05
N ILE B 249 -24.75 -13.81 18.29
CA ILE B 249 -24.73 -15.26 18.65
C ILE B 249 -23.57 -15.91 17.91
N LEU B 250 -22.54 -16.34 18.62
CA LEU B 250 -21.36 -17.04 18.06
C LEU B 250 -21.62 -18.55 18.17
N VAL B 251 -21.69 -19.23 17.02
CA VAL B 251 -22.03 -20.67 16.94
C VAL B 251 -20.73 -21.46 16.76
N GLU B 252 -20.13 -21.88 17.87
CA GLU B 252 -18.88 -22.69 17.90
C GLU B 252 -19.19 -24.12 17.44
N ASP B 253 -20.36 -24.67 17.78
CA ASP B 253 -20.82 -26.01 17.31
C ASP B 253 -21.77 -25.85 16.13
N LEU B 254 -21.26 -26.03 14.90
CA LEU B 254 -22.03 -25.76 13.65
C LEU B 254 -23.12 -26.81 13.44
N THR B 255 -23.07 -27.97 14.10
CA THR B 255 -24.17 -28.97 14.02
C THR B 255 -25.44 -28.35 14.66
N LYS B 256 -25.29 -27.32 15.50
CA LYS B 256 -26.43 -26.66 16.19
C LYS B 256 -26.88 -25.39 15.42
N MET B 257 -26.31 -25.08 14.27
CA MET B 257 -26.67 -23.87 13.49
C MET B 257 -28.16 -23.94 13.13
N GLU B 258 -28.66 -25.08 12.67
CA GLU B 258 -30.07 -25.27 12.21
C GLU B 258 -31.03 -24.81 13.32
N GLU B 259 -30.81 -25.30 14.54
CA GLU B 259 -31.51 -24.96 15.83
C GLU B 259 -31.41 -23.47 16.18
N VAL B 260 -30.23 -22.86 16.06
CA VAL B 260 -29.99 -21.43 16.39
C VAL B 260 -30.83 -20.57 15.44
N LEU B 261 -30.83 -20.85 14.13
CA LEU B 261 -31.61 -20.11 13.10
C LEU B 261 -33.10 -20.20 13.39
N LYS B 262 -33.58 -21.35 13.87
CA LYS B 262 -35.01 -21.52 14.25
C LYS B 262 -35.31 -20.72 15.53
N LYS B 263 -34.46 -20.71 16.55
CA LYS B 263 -34.70 -19.97 17.83
C LYS B 263 -34.64 -18.44 17.60
N TYR B 264 -33.85 -17.96 16.65
CA TYR B 264 -33.67 -16.52 16.30
C TYR B 264 -33.92 -16.33 14.82
N PRO B 265 -35.19 -16.39 14.36
CA PRO B 265 -35.47 -16.36 12.92
C PRO B 265 -35.25 -14.97 12.29
N ASP B 266 -35.22 -13.89 13.09
CA ASP B 266 -34.97 -12.51 12.59
C ASP B 266 -33.45 -12.24 12.64
N HIS B 267 -32.72 -12.55 11.58
CA HIS B 267 -31.24 -12.61 11.63
C HIS B 267 -30.60 -12.26 10.29
N VAL B 268 -29.34 -11.86 10.39
CA VAL B 268 -28.36 -11.95 9.27
C VAL B 268 -27.24 -12.86 9.78
N VAL B 269 -26.73 -13.74 8.92
CA VAL B 269 -25.61 -14.67 9.24
C VAL B 269 -24.32 -14.14 8.64
N ILE B 270 -23.26 -14.05 9.44
CA ILE B 270 -21.88 -13.83 8.95
C ILE B 270 -21.25 -15.22 8.74
N CYS B 271 -20.99 -15.57 7.47
CA CYS B 271 -20.48 -16.91 7.07
C CYS B 271 -19.29 -16.81 6.10
N VAL B 272 -18.67 -17.97 5.87
CA VAL B 272 -17.57 -18.16 4.88
C VAL B 272 -18.17 -18.41 3.48
N GLU B 273 -17.33 -18.19 2.46
CA GLU B 273 -17.68 -18.35 1.03
C GLU B 273 -18.23 -19.76 0.81
N GLU B 274 -17.59 -20.76 1.41
CA GLU B 274 -17.86 -22.19 1.12
C GLU B 274 -19.19 -22.64 1.75
N ARG B 275 -19.88 -21.82 2.55
CA ARG B 275 -21.17 -22.21 3.18
C ARG B 275 -22.28 -21.20 2.86
N LYS B 276 -22.04 -20.24 1.98
CA LYS B 276 -22.93 -19.07 1.77
C LYS B 276 -24.29 -19.49 1.20
N GLU B 277 -24.39 -20.70 0.62
CA GLU B 277 -25.64 -21.21 0.00
C GLU B 277 -26.60 -21.73 1.08
N LEU B 278 -26.11 -21.96 2.30
CA LEU B 278 -26.93 -22.55 3.40
C LEU B 278 -27.90 -21.50 3.96
N TYR B 279 -27.67 -20.22 3.68
CA TYR B 279 -28.32 -19.08 4.40
C TYR B 279 -28.98 -18.11 3.42
N ASP B 280 -30.22 -17.67 3.72
CA ASP B 280 -31.01 -16.71 2.89
C ASP B 280 -30.48 -15.29 3.09
N ASP B 281 -30.23 -14.89 4.34
CA ASP B 281 -29.74 -13.55 4.72
C ASP B 281 -28.32 -13.70 5.27
N ARG B 282 -27.30 -13.31 4.52
CA ARG B 282 -25.90 -13.55 4.98
C ARG B 282 -24.95 -12.46 4.48
N ILE B 283 -23.96 -12.14 5.29
CA ILE B 283 -22.75 -11.43 4.84
C ILE B 283 -21.62 -12.44 4.75
N VAL B 284 -21.01 -12.58 3.58
CA VAL B 284 -19.82 -13.44 3.37
C VAL B 284 -18.58 -12.68 3.83
N VAL B 285 -17.97 -13.09 4.93
CA VAL B 285 -16.78 -12.41 5.53
C VAL B 285 -15.51 -12.85 4.80
N GLY B 286 -15.49 -14.00 4.13
CA GLY B 286 -14.27 -14.48 3.45
C GLY B 286 -14.37 -15.94 3.15
N SER B 287 -13.26 -16.58 2.76
CA SER B 287 -13.22 -18.04 2.50
C SER B 287 -12.32 -18.74 3.51
N LEU B 288 -12.56 -20.03 3.77
CA LEU B 288 -11.66 -20.91 4.56
C LEU B 288 -10.37 -21.19 3.77
N LYS B 289 -10.41 -21.09 2.45
CA LYS B 289 -9.25 -21.23 1.53
C LYS B 289 -8.21 -20.13 1.80
N ASN B 290 -8.64 -18.92 2.20
CA ASN B 290 -7.77 -17.76 2.55
C ASN B 290 -8.13 -17.22 3.94
N PRO B 291 -7.80 -17.90 5.06
CA PRO B 291 -8.28 -17.44 6.36
C PRO B 291 -7.95 -15.97 6.67
N TYR B 292 -6.86 -15.43 6.10
CA TYR B 292 -6.49 -14.01 6.27
C TYR B 292 -7.62 -13.12 5.74
N SER B 293 -8.36 -13.52 4.71
CA SER B 293 -9.47 -12.70 4.16
C SER B 293 -10.56 -12.53 5.24
N ILE B 294 -10.76 -13.54 6.09
CA ILE B 294 -11.78 -13.50 7.17
C ILE B 294 -11.33 -12.49 8.22
N ALA B 295 -10.08 -12.56 8.63
CA ALA B 295 -9.50 -11.62 9.62
C ALA B 295 -9.62 -10.19 9.11
N GLN B 296 -9.33 -9.99 7.83
CA GLN B 296 -9.32 -8.68 7.15
C GLN B 296 -10.70 -8.00 7.18
N ASN B 297 -11.79 -8.78 7.18
CA ASN B 297 -13.17 -8.30 6.89
C ASN B 297 -14.08 -8.39 8.12
N ILE B 298 -13.66 -9.04 9.22
CA ILE B 298 -14.65 -9.41 10.27
C ILE B 298 -15.21 -8.12 10.91
N PHE B 299 -14.36 -7.14 11.24
CA PHE B 299 -14.83 -5.87 11.84
C PHE B 299 -15.72 -5.12 10.84
N SER B 300 -15.41 -5.11 9.54
CA SER B 300 -16.28 -4.48 8.49
C SER B 300 -17.63 -5.18 8.50
N ALA B 301 -17.62 -6.52 8.49
CA ALA B 301 -18.84 -7.35 8.45
C ALA B 301 -19.73 -6.99 9.64
N LEU B 302 -19.15 -6.80 10.83
CA LEU B 302 -19.94 -6.48 12.04
C LEU B 302 -20.56 -5.09 11.90
N ARG B 303 -19.83 -4.14 11.31
CA ARG B 303 -20.35 -2.75 11.12
C ARG B 303 -21.41 -2.75 10.01
N GLU B 304 -21.26 -3.58 8.98
CA GLU B 304 -22.26 -3.71 7.90
C GLU B 304 -23.54 -4.33 8.52
N ALA B 305 -23.42 -5.39 9.35
CA ALA B 305 -24.53 -6.15 9.94
C ALA B 305 -25.37 -5.27 10.87
N GLU B 306 -24.72 -4.46 11.69
CA GLU B 306 -25.40 -3.67 12.74
C GLU B 306 -26.27 -2.57 12.11
N LYS B 307 -26.07 -2.22 10.84
CA LYS B 307 -26.88 -1.20 10.10
C LYS B 307 -28.11 -1.84 9.44
N MET B 308 -28.26 -3.17 9.48
CA MET B 308 -29.40 -3.86 8.84
C MET B 308 -30.61 -3.82 9.77
N GLY B 309 -31.80 -4.17 9.27
CA GLY B 309 -33.02 -4.27 10.09
C GLY B 309 -33.17 -5.61 10.77
N LYS B 310 -32.34 -6.59 10.44
CA LYS B 310 -32.35 -7.93 11.10
C LYS B 310 -31.97 -7.81 12.59
N GLU B 311 -32.75 -8.45 13.48
CA GLU B 311 -32.59 -8.27 14.94
C GLU B 311 -31.25 -8.83 15.42
N TYR B 312 -30.92 -10.05 15.01
CA TYR B 312 -29.75 -10.80 15.53
C TYR B 312 -28.67 -10.92 14.47
N ILE B 313 -27.42 -10.78 14.89
CA ILE B 313 -26.23 -11.17 14.09
C ILE B 313 -25.83 -12.54 14.60
N ILE B 314 -25.80 -13.50 13.70
CA ILE B 314 -25.40 -14.91 13.99
C ILE B 314 -24.11 -15.17 13.22
N VAL B 315 -23.03 -15.50 13.92
CA VAL B 315 -21.68 -15.72 13.32
C VAL B 315 -21.30 -17.19 13.47
N GLU B 316 -20.94 -17.79 12.34
CA GLU B 316 -20.24 -19.10 12.26
C GLU B 316 -18.94 -19.02 13.05
N GLY B 317 -18.68 -20.02 13.90
CA GLY B 317 -17.38 -20.25 14.55
C GLY B 317 -16.34 -20.80 13.57
N PHE B 318 -15.07 -20.61 13.93
CA PHE B 318 -13.90 -21.01 13.11
C PHE B 318 -12.96 -21.87 13.96
N GLU B 319 -12.10 -22.66 13.31
CA GLU B 319 -10.96 -23.39 13.93
C GLU B 319 -10.15 -22.43 14.80
N GLU B 320 -9.93 -22.77 16.08
CA GLU B 320 -9.07 -22.00 17.03
C GLU B 320 -7.61 -22.28 16.64
N ARG B 321 -7.19 -21.89 15.43
CA ARG B 321 -5.84 -22.14 14.84
C ARG B 321 -5.41 -21.02 13.87
N GLY B 322 -4.10 -20.78 13.82
CA GLY B 322 -3.50 -19.68 13.03
C GLY B 322 -4.23 -18.37 13.27
N ILE B 323 -4.53 -17.65 12.20
CA ILE B 323 -5.12 -16.29 12.33
C ILE B 323 -6.55 -16.41 12.89
N LEU B 324 -7.21 -17.54 12.71
CA LEU B 324 -8.62 -17.74 13.15
C LEU B 324 -8.69 -17.86 14.67
N PHE B 325 -7.61 -18.25 15.33
CA PHE B 325 -7.48 -18.12 16.80
C PHE B 325 -7.79 -16.67 17.19
N ALA B 326 -7.17 -15.70 16.50
CA ALA B 326 -7.34 -14.25 16.77
C ALA B 326 -8.78 -13.86 16.45
N VAL B 327 -9.31 -14.30 15.33
CA VAL B 327 -10.71 -13.95 14.95
C VAL B 327 -11.63 -14.41 16.08
N MET B 328 -11.47 -15.68 16.54
CA MET B 328 -12.33 -16.26 17.61
C MET B 328 -12.18 -15.49 18.93
N ASN B 329 -10.96 -15.05 19.27
CA ASN B 329 -10.70 -14.25 20.47
C ASN B 329 -11.58 -12.99 20.41
N ARG B 330 -11.65 -12.33 19.25
CA ARG B 330 -12.43 -11.08 19.08
C ARG B 330 -13.93 -11.39 19.17
N LEU B 331 -14.39 -12.44 18.48
CA LEU B 331 -15.84 -12.74 18.42
C LEU B 331 -16.36 -13.15 19.81
N ARG B 332 -15.58 -13.89 20.59
CA ARG B 332 -16.00 -14.32 21.95
C ARG B 332 -16.18 -13.10 22.85
N LYS B 333 -15.28 -12.13 22.80
CA LYS B 333 -15.41 -10.89 23.58
C LYS B 333 -16.61 -10.08 23.06
N ALA B 334 -17.00 -10.23 21.79
CA ALA B 334 -18.10 -9.45 21.18
C ALA B 334 -19.48 -10.06 21.45
N ALA B 335 -19.55 -11.35 21.76
CA ALA B 335 -20.78 -12.17 21.66
C ALA B 335 -21.68 -11.87 22.85
N THR B 336 -22.99 -11.87 22.67
CA THR B 336 -23.95 -11.80 23.80
C THR B 336 -24.26 -13.25 24.22
N GLU B 337 -24.05 -14.22 23.33
CA GLU B 337 -24.30 -15.64 23.63
C GLU B 337 -23.33 -16.46 22.78
N ILE B 338 -22.75 -17.49 23.37
CA ILE B 338 -21.82 -18.44 22.68
C ILE B 338 -22.49 -19.83 22.67
N VAL B 339 -22.74 -20.39 21.51
CA VAL B 339 -23.39 -21.73 21.39
C VAL B 339 -22.28 -22.74 21.21
N ARG B 340 -21.94 -23.43 22.32
CA ARG B 340 -20.86 -24.45 22.38
C ARG B 340 -21.52 -25.81 22.34
#